data_4WXF
#
_entry.id   4WXF
#
_cell.length_a   115.470
_cell.length_b   115.470
_cell.length_c   191.720
_cell.angle_alpha   90.000
_cell.angle_beta   90.000
_cell.angle_gamma   90.000
#
_symmetry.space_group_name_H-M   'P 41 21 2'
#
loop_
_entity.id
_entity.type
_entity.pdbx_description
1 polymer 'Serine hydroxymethyltransferase'
2 non-polymer N-GLYCINE-[3-HYDROXY-2-METHYL-5-PHOSPHONOOXYMETHYL-PYRIDIN-4-YL-METHANE]
3 non-polymer GLYCEROL
4 water water
#
_entity_poly.entity_id   1
_entity_poly.type   'polypeptide(L)'
_entity_poly.pdbx_seq_one_letter_code
;MRGSHHHHHHGSMIFDKEDYKAFDPELWNAIDAEAERQQNNIELIASENVVSKAVMAAQGTLLTNKYAEGYPGKRYYGGT
AVIDVVETLAIERAKKLFGAKFANVQPHSGSQANAAVYMSLIQPGDTVMGMDLSAGGHLTHGAPVSFSGKTYNFVSYNVD
KESELLDYDAILAQAKEVRPKLIVAGASAYSRIIDFAKFREIADAVGAYLMVDMAHIAGLVASGHHPSPVPYAHVTTTTT
HKTLRGPRGGLILTDDEDIAKKLNSAVFPGLQGGPLEHVIAAKAVALKEALDPAFKEYGENVIKNAAAMADVFNQHPDFR
VISGGTNNHLFLVDVTKVVENGKVAQNVLEEVNITLNKNSIPYEQLSPFKTSGIRVGSPAITSRGMGEAESRQIAEWMVE
ALENHDKPEVLERIRGDVKVLTDAFPLY
;
_entity_poly.pdbx_strand_id   A,C
#
loop_
_chem_comp.id
_chem_comp.type
_chem_comp.name
_chem_comp.formula
GOL non-polymer GLYCEROL 'C3 H8 O3'
PLG non-polymer N-GLYCINE-[3-HYDROXY-2-METHYL-5-PHOSPHONOOXYMETHYL-PYRIDIN-4-YL-METHANE] 'C10 H15 N2 O7 P'
#
# COMPACT_ATOMS: atom_id res chain seq x y z
N ASP A 19 19.74 15.29 -14.20
CA ASP A 19 20.96 14.69 -13.58
C ASP A 19 20.68 13.27 -13.06
N TYR A 20 19.53 13.07 -12.41
CA TYR A 20 19.28 11.81 -11.62
C TYR A 20 19.13 10.58 -12.50
N LYS A 21 18.58 10.75 -13.70
CA LYS A 21 18.52 9.68 -14.71
C LYS A 21 19.90 9.18 -15.10
N ALA A 22 20.91 10.03 -14.90
CA ALA A 22 22.29 9.69 -15.24
C ALA A 22 22.94 8.85 -14.18
N PHE A 23 22.53 9.07 -12.93
CA PHE A 23 23.01 8.23 -11.84
C PHE A 23 22.56 6.75 -11.96
N ASP A 24 21.37 6.50 -12.58
CA ASP A 24 20.71 5.18 -12.63
C ASP A 24 20.06 4.90 -13.98
N PRO A 25 20.87 4.67 -15.00
CA PRO A 25 20.31 4.46 -16.31
C PRO A 25 19.53 3.16 -16.49
N GLU A 26 19.97 2.11 -15.85
CA GLU A 26 19.21 0.85 -15.98
C GLU A 26 17.73 1.06 -15.55
N LEU A 27 17.54 1.79 -14.48
CA LEU A 27 16.21 1.98 -13.96
C LEU A 27 15.44 2.94 -14.81
N TRP A 28 15.94 4.16 -15.02
CA TRP A 28 15.23 5.13 -15.87
C TRP A 28 15.09 4.69 -17.33
N ASN A 29 16.02 3.89 -17.83
CA ASN A 29 15.76 3.29 -19.17
C ASN A 29 14.43 2.50 -19.16
N ALA A 30 14.27 1.66 -18.14
CA ALA A 30 13.08 0.82 -18.02
C ALA A 30 11.80 1.60 -17.84
N ILE A 31 11.90 2.64 -17.04
CA ILE A 31 10.76 3.56 -16.90
C ILE A 31 10.34 4.23 -18.20
N ASP A 32 11.31 4.80 -18.92
CA ASP A 32 11.00 5.36 -20.24
C ASP A 32 10.50 4.27 -21.18
N ALA A 33 11.09 3.08 -21.11
CA ALA A 33 10.55 1.98 -21.92
C ALA A 33 9.06 1.63 -21.62
N GLU A 34 8.68 1.60 -20.35
CA GLU A 34 7.30 1.35 -20.06
C GLU A 34 6.40 2.47 -20.56
N ALA A 35 6.87 3.69 -20.49
CA ALA A 35 6.01 4.78 -21.00
C ALA A 35 5.72 4.65 -22.50
N GLU A 36 6.74 4.26 -23.22
CA GLU A 36 6.62 4.05 -24.66
C GLU A 36 5.77 2.81 -25.00
N ARG A 37 6.01 1.70 -24.27
CA ARG A 37 5.17 0.52 -24.38
C ARG A 37 3.71 0.86 -24.12
N GLN A 38 3.38 1.67 -23.11
CA GLN A 38 1.96 2.07 -22.90
C GLN A 38 1.41 2.82 -24.09
N GLN A 39 2.28 3.68 -24.66
CA GLN A 39 1.90 4.49 -25.83
C GLN A 39 1.70 3.60 -27.07
N ASN A 40 2.57 2.65 -27.28
CA ASN A 40 2.48 1.80 -28.46
C ASN A 40 1.58 0.57 -28.33
N ASN A 41 0.83 0.43 -27.22
CA ASN A 41 -0.07 -0.73 -27.06
C ASN A 41 -1.46 -0.31 -26.90
N ILE A 42 -2.35 -1.10 -27.47
CA ILE A 42 -3.75 -0.95 -27.23
C ILE A 42 -4.04 -1.77 -25.97
N GLU A 43 -4.21 -1.06 -24.86
CA GLU A 43 -4.50 -1.66 -23.57
C GLU A 43 -5.99 -1.85 -23.32
N LEU A 44 -6.37 -3.11 -23.37
CA LEU A 44 -7.73 -3.56 -23.11
C LEU A 44 -7.87 -4.34 -21.80
N ILE A 45 -6.86 -4.34 -20.99
CA ILE A 45 -7.00 -5.00 -19.70
C ILE A 45 -8.01 -4.20 -18.93
N ALA A 46 -9.09 -4.86 -18.53
CA ALA A 46 -10.33 -4.14 -18.06
C ALA A 46 -10.19 -3.39 -16.75
N SER A 47 -9.17 -3.78 -16.00
CA SER A 47 -8.85 -3.22 -14.69
C SER A 47 -7.82 -2.09 -14.76
N GLU A 48 -7.22 -1.82 -15.94
CA GLU A 48 -6.33 -0.69 -16.15
C GLU A 48 -7.04 0.57 -16.65
N ASN A 49 -6.33 1.67 -16.46
CA ASN A 49 -6.79 2.93 -16.98
C ASN A 49 -5.55 3.82 -17.25
N VAL A 50 -5.78 5.04 -17.68
CA VAL A 50 -4.71 5.97 -17.85
C VAL A 50 -5.00 7.17 -17.01
N VAL A 51 -4.24 7.36 -15.95
CA VAL A 51 -4.55 8.45 -15.04
C VAL A 51 -4.05 9.76 -15.59
N SER A 52 -4.52 10.85 -15.00
CA SER A 52 -4.14 12.18 -15.39
C SER A 52 -2.73 12.48 -14.91
N LYS A 53 -2.06 13.42 -15.57
CA LYS A 53 -0.76 13.93 -15.10
C LYS A 53 -0.82 14.43 -13.66
N ALA A 54 -1.94 15.05 -13.32
CA ALA A 54 -2.18 15.56 -11.98
C ALA A 54 -2.16 14.44 -10.93
N VAL A 55 -2.89 13.38 -11.20
CA VAL A 55 -2.84 12.24 -10.30
C VAL A 55 -1.42 11.70 -10.06
N MET A 56 -0.65 11.52 -11.10
CA MET A 56 0.73 11.08 -10.97
C MET A 56 1.56 12.13 -10.28
N ALA A 57 1.34 13.37 -10.63
CA ALA A 57 2.13 14.40 -9.95
C ALA A 57 1.83 14.46 -8.43
N ALA A 58 0.57 14.24 -8.05
CA ALA A 58 0.31 14.29 -6.63
C ALA A 58 1.11 13.19 -5.92
N GLN A 59 1.21 12.03 -6.55
CA GLN A 59 1.88 10.93 -5.92
C GLN A 59 3.37 11.16 -5.90
N GLY A 60 3.84 12.10 -6.73
CA GLY A 60 5.30 12.32 -6.84
C GLY A 60 5.82 13.44 -5.95
N THR A 61 5.01 13.83 -4.98
CA THR A 61 5.35 14.90 -4.08
C THR A 61 5.89 14.41 -2.80
N LEU A 62 6.40 15.39 -2.06
CA LEU A 62 7.08 15.15 -0.79
C LEU A 62 6.15 14.80 0.37
N LEU A 63 4.85 14.68 0.12
CA LEU A 63 3.96 14.09 1.13
C LEU A 63 4.38 12.67 1.55
N THR A 64 5.23 12.04 0.73
CA THR A 64 5.71 10.72 1.04
C THR A 64 6.59 10.78 2.27
N ASN A 65 7.08 11.96 2.63
CA ASN A 65 7.98 12.03 3.78
C ASN A 65 7.23 12.09 5.09
N LYS A 66 5.92 12.30 5.08
CA LYS A 66 5.19 12.47 6.31
C LYS A 66 4.55 11.19 6.85
N TYR A 67 4.89 10.82 8.11
CA TYR A 67 4.11 9.81 8.92
C TYR A 67 2.87 10.48 9.47
N ALA A 68 1.72 9.79 9.34
CA ALA A 68 0.47 10.32 9.78
C ALA A 68 -0.53 9.21 10.25
N GLU A 69 -0.02 8.29 11.05
CA GLU A 69 -0.88 7.36 11.81
C GLU A 69 -2.01 8.06 12.47
N GLY A 70 -3.18 7.45 12.43
CA GLY A 70 -4.36 8.07 12.98
C GLY A 70 -5.23 8.69 11.90
N TYR A 71 -6.20 9.48 12.32
CA TYR A 71 -7.14 10.12 11.39
C TYR A 71 -7.04 11.61 11.53
N PRO A 72 -7.66 12.36 10.61
CA PRO A 72 -7.62 13.84 10.72
C PRO A 72 -8.10 14.32 12.07
N GLY A 73 -7.31 15.16 12.72
CA GLY A 73 -7.70 15.60 14.04
C GLY A 73 -7.25 14.69 15.14
N LYS A 74 -6.81 13.48 14.87
CA LYS A 74 -6.34 12.59 15.92
C LYS A 74 -5.21 11.79 15.44
N ARG A 75 -4.09 12.43 15.19
CA ARG A 75 -2.89 11.75 14.75
C ARG A 75 -2.00 11.45 15.92
N TYR A 76 -0.99 10.60 15.70
CA TYR A 76 -0.05 10.23 16.74
C TYR A 76 1.30 10.95 16.54
N TYR A 77 1.31 12.01 15.75
CA TYR A 77 2.54 12.76 15.51
C TYR A 77 2.08 14.20 15.34
N GLY A 78 2.97 15.15 15.62
CA GLY A 78 2.72 16.55 15.28
C GLY A 78 3.11 16.81 13.81
N GLY A 79 2.76 17.98 13.33
CA GLY A 79 3.20 18.39 12.00
C GLY A 79 2.24 17.90 10.95
N THR A 80 1.04 17.55 11.40
CA THR A 80 0.07 16.92 10.54
C THR A 80 -1.07 17.82 10.17
N ALA A 81 -0.97 19.10 10.40
CA ALA A 81 -2.15 19.94 10.12
C ALA A 81 -2.41 20.06 8.64
N VAL A 82 -1.36 20.15 7.84
CA VAL A 82 -1.61 20.21 6.40
C VAL A 82 -2.12 18.84 5.81
N ILE A 83 -1.42 17.75 6.15
CA ILE A 83 -1.86 16.42 5.84
C ILE A 83 -3.34 16.28 6.15
N ASP A 84 -3.78 16.83 7.26
CA ASP A 84 -5.21 16.71 7.57
C ASP A 84 -6.12 17.36 6.58
N VAL A 85 -5.67 18.45 6.01
CA VAL A 85 -6.43 19.17 5.03
C VAL A 85 -6.53 18.32 3.79
N VAL A 86 -5.39 17.72 3.42
CA VAL A 86 -5.37 16.82 2.29
C VAL A 86 -6.26 15.57 2.46
N GLU A 87 -6.10 14.89 3.57
CA GLU A 87 -6.82 13.64 3.74
C GLU A 87 -8.27 13.98 3.84
N THR A 88 -8.55 15.13 4.47
CA THR A 88 -9.95 15.58 4.64
C THR A 88 -10.55 15.95 3.30
N LEU A 89 -9.75 16.55 2.43
CA LEU A 89 -10.26 16.79 1.08
C LEU A 89 -10.73 15.49 0.43
N ALA A 90 -9.88 14.48 0.54
CA ALA A 90 -10.17 13.18 -0.04
C ALA A 90 -11.43 12.53 0.53
N ILE A 91 -11.57 12.53 1.86
CA ILE A 91 -12.73 11.95 2.50
C ILE A 91 -13.98 12.68 2.06
N GLU A 92 -13.94 14.01 2.09
CA GLU A 92 -15.12 14.77 1.74
C GLU A 92 -15.45 14.61 0.26
N ARG A 93 -14.44 14.51 -0.57
CA ARG A 93 -14.78 14.38 -1.99
C ARG A 93 -15.41 13.00 -2.29
N ALA A 94 -14.99 11.97 -1.56
CA ALA A 94 -15.61 10.63 -1.74
C ALA A 94 -17.03 10.59 -1.30
N LYS A 95 -17.25 11.17 -0.14
CA LYS A 95 -18.59 11.24 0.44
C LYS A 95 -19.48 11.95 -0.51
N LYS A 96 -19.00 13.09 -0.99
CA LYS A 96 -19.80 13.83 -1.93
C LYS A 96 -20.01 13.08 -3.23
N LEU A 97 -18.96 12.61 -3.84
CA LEU A 97 -19.10 11.92 -5.11
C LEU A 97 -20.02 10.69 -5.00
N PHE A 98 -19.93 9.91 -3.91
CA PHE A 98 -20.71 8.65 -3.83
C PHE A 98 -21.97 8.69 -2.95
N GLY A 99 -22.15 9.83 -2.26
CA GLY A 99 -23.33 10.06 -1.44
C GLY A 99 -23.27 9.27 -0.15
N ALA A 100 -22.11 9.21 0.49
CA ALA A 100 -22.00 8.35 1.64
C ALA A 100 -21.76 9.24 2.80
N LYS A 101 -22.23 8.86 3.96
CA LYS A 101 -22.00 9.68 5.13
C LYS A 101 -20.63 9.55 5.72
N PHE A 102 -19.95 8.44 5.41
CA PHE A 102 -18.55 8.21 5.89
C PHE A 102 -17.69 7.56 4.82
N ALA A 103 -16.39 7.87 4.86
CA ALA A 103 -15.39 7.31 3.95
C ALA A 103 -14.09 7.19 4.71
N ASN A 104 -13.31 6.21 4.30
CA ASN A 104 -11.97 6.01 4.78
C ASN A 104 -11.08 5.88 3.56
N VAL A 105 -10.12 6.78 3.40
CA VAL A 105 -9.29 6.81 2.24
C VAL A 105 -7.90 6.24 2.48
N GLN A 106 -7.68 5.63 3.64
CA GLN A 106 -6.35 5.09 3.91
C GLN A 106 -5.97 3.72 3.32
N PRO A 107 -6.91 2.91 2.83
CA PRO A 107 -6.44 1.60 2.44
C PRO A 107 -5.44 1.57 1.32
N HIS A 108 -4.46 0.67 1.45
CA HIS A 108 -3.39 0.67 0.47
C HIS A 108 -3.78 0.11 -0.89
N SER A 109 -4.87 -0.63 -0.95
CA SER A 109 -5.22 -1.40 -2.11
C SER A 109 -6.65 -1.82 -1.93
N GLY A 110 -7.22 -2.47 -2.94
CA GLY A 110 -8.58 -2.97 -2.83
C GLY A 110 -8.62 -4.16 -1.87
N SER A 111 -7.58 -5.00 -1.92
CA SER A 111 -7.44 -6.15 -1.08
C SER A 111 -7.43 -5.71 0.39
N GLN A 112 -6.66 -4.68 0.71
CA GLN A 112 -6.60 -4.18 2.08
C GLN A 112 -7.92 -3.58 2.55
N ALA A 113 -8.56 -2.79 1.70
CA ALA A 113 -9.91 -2.30 2.02
C ALA A 113 -10.83 -3.44 2.37
N ASN A 114 -10.79 -4.49 1.57
CA ASN A 114 -11.71 -5.58 1.82
C ASN A 114 -11.42 -6.32 3.13
N ALA A 115 -10.14 -6.55 3.39
CA ALA A 115 -9.74 -7.18 4.64
C ALA A 115 -10.22 -6.45 5.86
N ALA A 116 -10.18 -5.13 5.79
CA ALA A 116 -10.61 -4.22 6.86
C ALA A 116 -12.08 -4.31 7.19
N VAL A 117 -12.86 -4.44 6.14
CA VAL A 117 -14.29 -4.63 6.27
C VAL A 117 -14.62 -5.97 6.93
N TYR A 118 -13.97 -7.05 6.51
CA TYR A 118 -14.22 -8.33 7.15
C TYR A 118 -13.87 -8.24 8.62
N MET A 119 -12.70 -7.72 8.92
CA MET A 119 -12.24 -7.55 10.28
C MET A 119 -13.24 -6.71 11.11
N SER A 120 -13.95 -5.80 10.48
CA SER A 120 -14.91 -4.97 11.16
C SER A 120 -16.26 -5.56 11.39
N LEU A 121 -16.70 -6.52 10.59
CA LEU A 121 -18.09 -6.96 10.68
C LEU A 121 -18.31 -8.41 11.12
N ILE A 122 -17.30 -9.25 10.98
CA ILE A 122 -17.40 -10.66 11.25
C ILE A 122 -16.19 -11.11 12.01
N GLN A 123 -16.18 -12.38 12.41
N GLN A 123 -16.21 -12.39 12.40
CA GLN A 123 -15.04 -12.96 13.12
CA GLN A 123 -15.14 -13.05 13.15
C GLN A 123 -14.55 -14.16 12.36
C GLN A 123 -14.56 -14.19 12.33
N PRO A 124 -13.30 -14.54 12.58
CA PRO A 124 -12.71 -15.67 11.89
C PRO A 124 -13.53 -16.88 12.07
N GLY A 125 -13.61 -17.66 10.99
CA GLY A 125 -14.46 -18.80 10.95
C GLY A 125 -15.90 -18.52 10.60
N ASP A 126 -16.35 -17.24 10.68
CA ASP A 126 -17.74 -16.93 10.22
C ASP A 126 -18.00 -17.27 8.75
N THR A 127 -19.25 -17.58 8.43
CA THR A 127 -19.65 -17.95 7.07
C THR A 127 -20.03 -16.74 6.23
N VAL A 128 -19.52 -16.73 4.99
CA VAL A 128 -19.61 -15.57 4.13
C VAL A 128 -19.94 -16.13 2.78
N MET A 129 -20.83 -15.47 2.03
CA MET A 129 -21.08 -15.84 0.65
C MET A 129 -20.41 -14.85 -0.25
N GLY A 130 -19.85 -15.36 -1.35
CA GLY A 130 -19.03 -14.53 -2.22
C GLY A 130 -19.22 -15.07 -3.58
N MET A 131 -19.05 -14.24 -4.59
CA MET A 131 -19.14 -14.76 -5.98
C MET A 131 -18.02 -15.70 -6.34
N ASP A 132 -18.35 -16.70 -7.14
CA ASP A 132 -17.40 -17.71 -7.49
C ASP A 132 -16.22 -17.15 -8.31
N LEU A 133 -14.97 -17.53 -8.02
N LEU A 133 -15.01 -17.57 -8.04
CA LEU A 133 -13.74 -17.11 -8.80
CA LEU A 133 -13.85 -17.00 -8.69
C LEU A 133 -14.05 -17.14 -10.28
C LEU A 133 -13.78 -17.29 -10.23
N SER A 134 -14.53 -18.28 -10.74
CA SER A 134 -14.76 -18.50 -12.19
C SER A 134 -15.86 -17.66 -12.81
N ALA A 135 -16.89 -17.41 -12.04
CA ALA A 135 -17.96 -16.55 -12.53
C ALA A 135 -17.66 -15.06 -12.36
N GLY A 136 -16.49 -14.71 -11.83
CA GLY A 136 -16.15 -13.33 -11.69
C GLY A 136 -15.79 -12.82 -10.32
N GLY A 137 -15.69 -13.68 -9.34
CA GLY A 137 -15.36 -13.20 -8.02
C GLY A 137 -13.88 -12.96 -7.89
N HIS A 138 -13.50 -12.08 -6.99
CA HIS A 138 -12.09 -11.77 -6.77
C HIS A 138 -11.47 -12.70 -5.72
N LEU A 139 -10.15 -12.81 -5.72
CA LEU A 139 -9.41 -13.61 -4.74
C LEU A 139 -9.88 -13.34 -3.32
N THR A 140 -10.06 -12.07 -3.00
CA THR A 140 -10.41 -11.65 -1.64
C THR A 140 -11.87 -11.91 -1.29
N HIS A 141 -12.61 -12.50 -2.22
CA HIS A 141 -13.98 -13.00 -2.01
C HIS A 141 -14.01 -14.53 -1.76
N GLY A 142 -12.90 -15.05 -1.23
CA GLY A 142 -12.89 -16.40 -0.70
C GLY A 142 -11.99 -17.45 -1.33
N ALA A 143 -11.13 -17.08 -2.27
CA ALA A 143 -10.13 -18.01 -2.77
C ALA A 143 -9.39 -18.61 -1.61
N PRO A 144 -9.17 -19.92 -1.67
CA PRO A 144 -8.47 -20.65 -0.62
C PRO A 144 -7.02 -20.23 -0.46
N VAL A 145 -6.44 -19.68 -1.51
CA VAL A 145 -5.06 -19.10 -1.46
C VAL A 145 -4.94 -17.68 -0.88
N SER A 146 -6.12 -17.07 -0.64
CA SER A 146 -6.23 -15.74 -0.06
C SER A 146 -6.51 -15.84 1.42
N PHE A 147 -6.16 -14.78 2.15
CA PHE A 147 -6.47 -14.64 3.54
C PHE A 147 -7.99 -14.76 3.70
N SER A 148 -8.72 -14.40 2.66
CA SER A 148 -10.19 -14.39 2.76
C SER A 148 -10.70 -15.80 2.98
N GLY A 149 -10.26 -16.72 2.12
CA GLY A 149 -10.59 -18.12 2.21
C GLY A 149 -9.98 -18.80 3.41
N LYS A 150 -8.81 -18.34 3.82
CA LYS A 150 -8.11 -18.98 4.94
C LYS A 150 -8.72 -18.63 6.26
N THR A 151 -9.18 -17.41 6.41
CA THR A 151 -9.63 -16.91 7.71
C THR A 151 -11.15 -17.12 7.91
N TYR A 152 -11.91 -17.13 6.83
CA TYR A 152 -13.36 -17.20 6.92
C TYR A 152 -13.88 -18.41 6.15
N ASN A 153 -15.12 -18.78 6.43
CA ASN A 153 -15.68 -19.92 5.74
C ASN A 153 -16.53 -19.45 4.57
N PHE A 154 -15.90 -19.38 3.40
CA PHE A 154 -16.56 -18.83 2.25
C PHE A 154 -17.30 -19.88 1.49
N VAL A 155 -18.55 -19.58 1.16
CA VAL A 155 -19.32 -20.38 0.28
C VAL A 155 -19.67 -19.55 -0.94
N SER A 156 -19.49 -20.12 -2.12
CA SER A 156 -19.59 -19.34 -3.34
C SER A 156 -20.93 -19.48 -3.99
N TYR A 157 -21.41 -18.37 -4.55
CA TYR A 157 -22.55 -18.42 -5.46
C TYR A 157 -22.10 -18.14 -6.90
N ASN A 158 -22.87 -18.60 -7.82
CA ASN A 158 -22.54 -18.58 -9.21
C ASN A 158 -23.55 -17.76 -10.01
N VAL A 159 -23.38 -17.74 -11.31
CA VAL A 159 -24.39 -17.23 -12.20
C VAL A 159 -25.16 -18.43 -12.73
N ASP A 160 -26.35 -18.20 -13.28
CA ASP A 160 -27.13 -19.26 -13.88
C ASP A 160 -26.32 -19.89 -15.00
N LYS A 161 -26.41 -21.21 -15.14
CA LYS A 161 -25.70 -21.87 -16.21
C LYS A 161 -26.22 -21.52 -17.62
N GLU A 162 -27.52 -21.40 -17.86
CA GLU A 162 -27.99 -21.04 -19.23
C GLU A 162 -27.84 -19.57 -19.51
N SER A 163 -28.30 -18.69 -18.62
CA SER A 163 -28.33 -17.27 -18.95
C SER A 163 -26.98 -16.61 -18.69
N GLU A 164 -26.21 -17.19 -17.77
CA GLU A 164 -24.96 -16.57 -17.30
C GLU A 164 -25.20 -15.27 -16.52
N LEU A 165 -26.41 -15.09 -16.05
CA LEU A 165 -26.81 -13.94 -15.18
C LEU A 165 -26.92 -14.35 -13.74
N LEU A 166 -26.73 -13.39 -12.86
CA LEU A 166 -27.09 -13.63 -11.49
C LEU A 166 -28.56 -14.00 -11.43
N ASP A 167 -28.86 -15.04 -10.65
CA ASP A 167 -30.24 -15.48 -10.41
C ASP A 167 -30.55 -15.27 -8.93
N TYR A 168 -31.33 -14.21 -8.65
CA TYR A 168 -31.44 -13.71 -7.31
C TYR A 168 -32.30 -14.60 -6.48
N ASP A 169 -33.16 -15.38 -7.12
CA ASP A 169 -33.90 -16.41 -6.37
C ASP A 169 -33.03 -17.55 -5.93
N ALA A 170 -32.22 -18.09 -6.83
CA ALA A 170 -31.27 -19.19 -6.45
C ALA A 170 -30.35 -18.80 -5.34
N ILE A 171 -29.91 -17.54 -5.37
CA ILE A 171 -28.97 -17.01 -4.41
C ILE A 171 -29.66 -16.91 -3.07
N LEU A 172 -30.93 -16.50 -3.08
CA LEU A 172 -31.75 -16.46 -1.87
C LEU A 172 -31.89 -17.87 -1.29
N ALA A 173 -32.31 -18.82 -2.12
CA ALA A 173 -32.43 -20.23 -1.70
C ALA A 173 -31.13 -20.74 -1.07
N GLN A 174 -29.98 -20.46 -1.70
CA GLN A 174 -28.75 -20.89 -1.12
C GLN A 174 -28.41 -20.18 0.17
N ALA A 175 -28.74 -18.89 0.25
CA ALA A 175 -28.46 -18.17 1.49
C ALA A 175 -29.29 -18.72 2.61
N LYS A 176 -30.51 -19.17 2.32
CA LYS A 176 -31.36 -19.69 3.38
C LYS A 176 -30.80 -20.96 3.96
N GLU A 177 -30.20 -21.80 3.13
CA GLU A 177 -29.46 -22.98 3.59
C GLU A 177 -28.19 -22.66 4.31
N VAL A 178 -27.40 -21.75 3.77
CA VAL A 178 -26.04 -21.55 4.25
C VAL A 178 -26.00 -20.66 5.49
N ARG A 179 -26.93 -19.73 5.66
CA ARG A 179 -26.92 -18.81 6.81
C ARG A 179 -25.67 -17.97 7.06
N PRO A 180 -25.22 -17.21 6.09
CA PRO A 180 -23.99 -16.45 6.19
C PRO A 180 -24.12 -15.24 7.11
N LYS A 181 -23.02 -14.83 7.75
CA LYS A 181 -23.00 -13.55 8.45
C LYS A 181 -22.86 -12.37 7.49
N LEU A 182 -22.27 -12.61 6.32
CA LEU A 182 -22.00 -11.57 5.37
C LEU A 182 -22.13 -12.13 4.01
N ILE A 183 -22.74 -11.31 3.14
CA ILE A 183 -22.80 -11.61 1.72
C ILE A 183 -22.02 -10.56 1.01
N VAL A 184 -21.09 -11.02 0.21
CA VAL A 184 -20.27 -10.11 -0.61
C VAL A 184 -20.78 -10.15 -2.03
N ALA A 185 -20.97 -8.97 -2.59
CA ALA A 185 -21.38 -8.77 -4.00
C ALA A 185 -20.39 -7.88 -4.71
N GLY A 186 -20.32 -8.05 -6.02
CA GLY A 186 -19.36 -7.34 -6.84
C GLY A 186 -18.41 -8.31 -7.51
N ALA A 187 -17.86 -7.88 -8.64
CA ALA A 187 -17.07 -8.78 -9.47
C ALA A 187 -15.96 -8.12 -10.25
N SER A 188 -15.13 -8.98 -10.81
CA SER A 188 -14.01 -8.65 -11.65
C SER A 188 -14.32 -8.97 -13.08
N ALA A 189 -15.39 -9.73 -13.35
CA ALA A 189 -15.67 -10.19 -14.72
C ALA A 189 -17.13 -10.46 -15.02
N TYR A 190 -18.01 -9.73 -14.35
CA TYR A 190 -19.45 -9.74 -14.69
C TYR A 190 -19.83 -8.48 -15.45
N SER A 191 -20.45 -8.64 -16.62
CA SER A 191 -20.73 -7.56 -17.57
C SER A 191 -22.10 -6.87 -17.42
N ARG A 192 -22.99 -7.44 -16.61
CA ARG A 192 -24.35 -6.93 -16.53
C ARG A 192 -24.61 -6.12 -15.28
N ILE A 193 -25.71 -5.40 -15.30
CA ILE A 193 -26.06 -4.51 -14.22
C ILE A 193 -26.51 -5.38 -13.07
N ILE A 194 -25.86 -5.18 -11.95
CA ILE A 194 -26.19 -5.85 -10.70
C ILE A 194 -27.29 -5.08 -9.95
N ASP A 195 -28.27 -5.83 -9.43
CA ASP A 195 -29.38 -5.28 -8.69
C ASP A 195 -29.03 -5.25 -7.19
N PHE A 196 -28.47 -4.14 -6.71
CA PHE A 196 -28.09 -4.06 -5.34
C PHE A 196 -29.27 -4.11 -4.38
N ALA A 197 -30.42 -3.62 -4.80
CA ALA A 197 -31.56 -3.65 -3.93
C ALA A 197 -31.93 -5.12 -3.67
N LYS A 198 -31.84 -5.94 -4.69
CA LYS A 198 -32.08 -7.37 -4.46
C LYS A 198 -31.07 -8.03 -3.52
N PHE A 199 -29.81 -7.65 -3.69
CA PHE A 199 -28.75 -8.21 -2.80
C PHE A 199 -29.03 -7.88 -1.34
N ARG A 200 -29.45 -6.64 -1.04
CA ARG A 200 -29.76 -6.22 0.32
C ARG A 200 -31.01 -6.90 0.85
N GLU A 201 -32.01 -7.07 0.00
CA GLU A 201 -33.21 -7.88 0.31
C GLU A 201 -32.84 -9.28 0.74
N ILE A 202 -31.99 -9.90 -0.05
CA ILE A 202 -31.44 -11.22 0.32
C ILE A 202 -30.68 -11.24 1.68
N ALA A 203 -29.71 -10.33 1.86
CA ALA A 203 -29.09 -10.13 3.15
C ALA A 203 -30.13 -10.00 4.22
N ASP A 204 -31.05 -9.04 4.08
CA ASP A 204 -32.03 -8.76 5.14
C ASP A 204 -32.83 -10.05 5.46
N ALA A 205 -33.15 -10.82 4.45
CA ALA A 205 -33.99 -11.99 4.67
C ALA A 205 -33.32 -13.07 5.52
N VAL A 206 -31.99 -13.09 5.61
CA VAL A 206 -31.27 -14.09 6.41
C VAL A 206 -30.45 -13.40 7.48
N GLY A 207 -30.77 -12.16 7.76
CA GLY A 207 -30.02 -11.39 8.77
C GLY A 207 -28.51 -11.23 8.55
N ALA A 208 -28.07 -11.17 7.29
CA ALA A 208 -26.64 -11.04 6.93
C ALA A 208 -26.34 -9.60 6.65
N TYR A 209 -25.11 -9.19 6.89
CA TYR A 209 -24.58 -7.97 6.33
C TYR A 209 -24.40 -8.15 4.80
N LEU A 210 -24.45 -7.05 4.07
CA LEU A 210 -24.05 -7.02 2.67
C LEU A 210 -22.90 -6.07 2.52
N MET A 211 -21.82 -6.58 1.93
CA MET A 211 -20.66 -5.75 1.53
C MET A 211 -20.67 -5.76 0.01
N VAL A 212 -20.54 -4.58 -0.60
CA VAL A 212 -20.31 -4.50 -2.06
C VAL A 212 -18.89 -4.00 -2.41
N ASP A 213 -18.20 -4.78 -3.24
CA ASP A 213 -16.90 -4.45 -3.72
C ASP A 213 -17.11 -3.97 -5.15
N MET A 214 -17.16 -2.66 -5.30
CA MET A 214 -17.44 -2.05 -6.57
C MET A 214 -16.18 -1.62 -7.34
N ALA A 215 -15.06 -2.26 -7.07
CA ALA A 215 -13.82 -1.84 -7.66
C ALA A 215 -13.95 -1.60 -9.14
N HIS A 216 -14.45 -2.59 -9.86
CA HIS A 216 -14.48 -2.49 -11.30
C HIS A 216 -15.39 -1.40 -11.81
N ILE A 217 -16.49 -1.17 -11.10
CA ILE A 217 -17.51 -0.32 -11.61
C ILE A 217 -17.61 1.01 -10.95
N ALA A 218 -16.65 1.34 -10.10
CA ALA A 218 -16.85 2.52 -9.32
C ALA A 218 -16.92 3.77 -10.20
N GLY A 219 -16.11 3.80 -11.26
CA GLY A 219 -16.12 4.97 -12.14
C GLY A 219 -17.49 5.14 -12.80
N LEU A 220 -18.12 4.03 -13.14
CA LEU A 220 -19.44 4.05 -13.74
C LEU A 220 -20.51 4.37 -12.74
N VAL A 221 -20.31 3.98 -11.48
CA VAL A 221 -21.24 4.48 -10.45
C VAL A 221 -21.08 5.97 -10.36
N ALA A 222 -19.85 6.45 -10.30
CA ALA A 222 -19.63 7.90 -10.26
C ALA A 222 -20.24 8.65 -11.45
N SER A 223 -20.23 8.03 -12.64
CA SER A 223 -20.61 8.75 -13.89
C SER A 223 -22.09 8.67 -14.10
N GLY A 224 -22.76 7.81 -13.34
CA GLY A 224 -24.21 7.65 -13.38
C GLY A 224 -24.65 6.48 -14.24
N HIS A 225 -23.70 5.74 -14.81
CA HIS A 225 -24.01 4.62 -15.69
C HIS A 225 -24.07 3.29 -15.04
N HIS A 226 -23.70 3.16 -13.78
CA HIS A 226 -24.12 1.94 -13.01
C HIS A 226 -24.87 2.37 -11.75
N PRO A 227 -25.92 1.67 -11.40
CA PRO A 227 -26.60 2.01 -10.16
C PRO A 227 -25.67 1.92 -8.94
N SER A 228 -25.87 2.76 -7.94
CA SER A 228 -24.99 2.79 -6.77
C SER A 228 -25.32 1.70 -5.78
N PRO A 229 -24.31 1.02 -5.27
CA PRO A 229 -24.60 0.12 -4.16
C PRO A 229 -24.63 0.87 -2.81
N VAL A 230 -24.24 2.11 -2.77
CA VAL A 230 -24.07 2.77 -1.50
C VAL A 230 -25.30 2.79 -0.62
N PRO A 231 -26.49 2.99 -1.18
CA PRO A 231 -27.66 3.02 -0.29
C PRO A 231 -28.11 1.65 0.16
N TYR A 232 -27.55 0.61 -0.41
CA TYR A 232 -28.02 -0.72 -0.12
C TYR A 232 -27.02 -1.61 0.64
N ALA A 233 -25.74 -1.41 0.42
CA ALA A 233 -24.73 -2.11 1.17
C ALA A 233 -24.51 -1.47 2.53
N HIS A 234 -24.19 -2.33 3.49
CA HIS A 234 -23.79 -1.82 4.80
C HIS A 234 -22.45 -1.14 4.63
N VAL A 235 -21.63 -1.73 3.77
CA VAL A 235 -20.32 -1.23 3.44
C VAL A 235 -19.98 -1.50 1.96
N THR A 236 -19.41 -0.48 1.34
CA THR A 236 -18.96 -0.53 -0.02
C THR A 236 -17.47 -0.31 -0.04
N THR A 237 -16.76 -1.20 -0.71
CA THR A 237 -15.35 -1.00 -0.94
C THR A 237 -15.11 -0.79 -2.42
N THR A 238 -13.95 -0.20 -2.73
CA THR A 238 -13.50 -0.05 -4.12
C THR A 238 -11.98 0.20 -4.19
N THR A 239 -11.38 -0.13 -5.32
CA THR A 239 -10.08 0.39 -5.66
C THR A 239 -10.36 1.81 -6.13
N THR A 240 -9.37 2.68 -5.96
CA THR A 240 -9.40 4.05 -6.50
C THR A 240 -8.91 4.03 -7.94
N HIS A 241 -8.17 3.01 -8.31
CA HIS A 241 -7.87 2.74 -9.73
C HIS A 241 -9.02 1.97 -10.41
N LYS A 242 -8.86 1.70 -11.70
CA LYS A 242 -9.85 1.00 -12.55
C LYS A 242 -10.73 2.04 -13.18
N THR A 243 -12.04 1.87 -13.22
CA THR A 243 -12.87 2.83 -13.95
C THR A 243 -12.89 4.19 -13.37
N LEU A 244 -12.66 4.28 -12.06
CA LEU A 244 -12.62 5.59 -11.38
C LEU A 244 -11.35 6.40 -11.72
N ARG A 245 -10.42 5.74 -12.38
CA ARG A 245 -9.29 6.42 -12.98
C ARG A 245 -8.46 7.19 -11.94
N GLY A 246 -8.30 6.57 -10.80
CA GLY A 246 -7.51 7.12 -9.74
C GLY A 246 -6.18 6.46 -9.59
N PRO A 247 -5.43 6.87 -8.54
CA PRO A 247 -4.22 6.14 -8.23
C PRO A 247 -4.56 4.76 -7.68
N ARG A 248 -3.52 3.96 -7.58
CA ARG A 248 -3.62 2.63 -7.14
C ARG A 248 -3.82 2.74 -5.64
N GLY A 249 -4.93 2.19 -5.15
CA GLY A 249 -5.20 2.18 -3.71
C GLY A 249 -6.63 1.74 -3.47
N GLY A 250 -7.11 1.90 -2.26
CA GLY A 250 -8.45 1.52 -1.89
C GLY A 250 -9.23 2.58 -1.17
N LEU A 251 -10.52 2.31 -1.01
CA LEU A 251 -11.41 3.23 -0.38
C LEU A 251 -12.54 2.44 0.22
N ILE A 252 -13.06 2.89 1.36
CA ILE A 252 -14.21 2.28 2.01
C ILE A 252 -15.29 3.29 2.30
N LEU A 253 -16.54 2.90 2.13
CA LEU A 253 -17.68 3.82 2.37
C LEU A 253 -18.78 3.17 3.20
N THR A 254 -19.51 3.99 3.97
CA THR A 254 -20.68 3.51 4.67
C THR A 254 -21.52 4.66 5.16
N ASP A 255 -22.77 4.33 5.52
CA ASP A 255 -23.70 5.31 6.09
C ASP A 255 -23.95 5.09 7.57
N ASP A 256 -23.32 4.07 8.16
CA ASP A 256 -23.53 3.73 9.55
C ASP A 256 -22.35 4.22 10.41
N GLU A 257 -22.63 5.13 11.29
CA GLU A 257 -21.62 5.70 12.16
C GLU A 257 -20.84 4.70 13.02
N ASP A 258 -21.51 3.68 13.52
CA ASP A 258 -20.88 2.67 14.32
C ASP A 258 -20.00 1.81 13.46
N ILE A 259 -20.45 1.46 12.26
CA ILE A 259 -19.61 0.63 11.39
C ILE A 259 -18.40 1.49 11.01
N ALA A 260 -18.61 2.76 10.80
CA ALA A 260 -17.49 3.59 10.42
C ALA A 260 -16.38 3.63 11.48
N LYS A 261 -16.74 3.69 12.78
CA LYS A 261 -15.71 3.61 13.87
C LYS A 261 -14.94 2.29 13.78
N LYS A 262 -15.66 1.20 13.61
CA LYS A 262 -15.09 -0.14 13.49
C LYS A 262 -14.18 -0.20 12.28
N LEU A 263 -14.67 0.29 11.15
CA LEU A 263 -13.81 0.31 9.94
C LEU A 263 -12.55 1.14 10.12
N ASN A 264 -12.67 2.31 10.75
CA ASN A 264 -11.50 3.10 10.96
C ASN A 264 -10.52 2.39 11.84
N SER A 265 -10.99 1.75 12.89
CA SER A 265 -10.06 0.99 13.74
C SER A 265 -9.44 -0.23 13.05
N ALA A 266 -10.21 -0.84 12.15
CA ALA A 266 -9.78 -2.03 11.43
C ALA A 266 -8.63 -1.66 10.47
N VAL A 267 -8.82 -0.57 9.75
CA VAL A 267 -7.76 -0.12 8.81
C VAL A 267 -6.52 0.27 9.57
N PHE A 268 -6.70 1.11 10.60
CA PHE A 268 -5.58 1.40 11.52
C PHE A 268 -6.05 1.56 12.92
N PRO A 269 -5.39 0.87 13.87
CA PRO A 269 -4.18 0.04 13.84
C PRO A 269 -4.43 -1.43 13.54
N GLY A 270 -5.67 -1.77 13.21
CA GLY A 270 -5.89 -3.20 12.90
C GLY A 270 -5.03 -3.80 11.81
N LEU A 271 -5.02 -3.18 10.64
CA LEU A 271 -4.40 -3.83 9.49
C LEU A 271 -3.14 -3.15 8.96
N GLN A 272 -3.17 -1.83 8.94
CA GLN A 272 -2.08 -1.02 8.39
C GLN A 272 -1.40 -0.22 9.47
N GLY A 273 -0.29 0.40 9.08
CA GLY A 273 0.39 1.38 9.89
C GLY A 273 0.15 2.75 9.32
N GLY A 274 1.23 3.43 9.02
CA GLY A 274 1.10 4.73 8.42
C GLY A 274 0.49 4.65 7.03
N PRO A 275 -0.39 5.60 6.68
CA PRO A 275 -0.95 5.71 5.34
C PRO A 275 -0.01 6.39 4.32
N LEU A 276 -0.29 6.18 3.03
CA LEU A 276 0.45 6.81 1.95
C LEU A 276 -0.20 8.19 1.63
N GLU A 277 0.28 9.24 2.29
CA GLU A 277 -0.43 10.52 2.11
C GLU A 277 -0.24 11.11 0.70
N HIS A 278 0.89 10.86 0.09
CA HIS A 278 1.00 11.27 -1.29
C HIS A 278 -0.03 10.60 -2.18
N VAL A 279 -0.32 9.34 -1.91
CA VAL A 279 -1.29 8.64 -2.72
C VAL A 279 -2.65 9.13 -2.38
N ILE A 280 -2.82 9.43 -1.12
CA ILE A 280 -4.08 10.03 -0.71
C ILE A 280 -4.38 11.40 -1.42
N ALA A 281 -3.34 12.22 -1.55
CA ALA A 281 -3.40 13.48 -2.31
C ALA A 281 -3.91 13.12 -3.69
N ALA A 282 -3.30 12.11 -4.27
CA ALA A 282 -3.69 11.69 -5.60
C ALA A 282 -5.10 11.17 -5.61
N LYS A 283 -5.57 10.55 -4.53
CA LYS A 283 -6.96 10.17 -4.51
C LYS A 283 -7.85 11.41 -4.55
N ALA A 284 -7.49 12.39 -3.76
CA ALA A 284 -8.25 13.68 -3.78
C ALA A 284 -8.31 14.27 -5.19
N VAL A 285 -7.17 14.29 -5.85
CA VAL A 285 -7.19 14.72 -7.23
C VAL A 285 -8.18 13.95 -8.06
N ALA A 286 -8.10 12.62 -8.05
CA ALA A 286 -8.94 11.82 -8.91
C ALA A 286 -10.42 12.00 -8.61
N LEU A 287 -10.71 12.19 -7.32
CA LEU A 287 -12.12 12.29 -6.94
C LEU A 287 -12.74 13.58 -7.46
N LYS A 288 -11.96 14.66 -7.44
CA LYS A 288 -12.43 15.91 -7.99
C LYS A 288 -12.57 15.83 -9.49
N GLU A 289 -11.61 15.24 -10.18
CA GLU A 289 -11.83 14.93 -11.62
C GLU A 289 -13.13 14.20 -11.83
N ALA A 290 -13.45 13.21 -10.99
CA ALA A 290 -14.71 12.45 -11.23
C ALA A 290 -15.98 13.22 -10.88
N LEU A 291 -15.85 14.24 -10.03
CA LEU A 291 -16.94 15.15 -9.78
C LEU A 291 -17.22 16.11 -10.95
N ASP A 292 -16.24 16.36 -11.79
CA ASP A 292 -16.47 17.24 -12.92
C ASP A 292 -17.49 16.64 -13.90
N PRO A 293 -18.35 17.48 -14.43
CA PRO A 293 -19.36 17.06 -15.42
C PRO A 293 -18.79 16.28 -16.57
N ALA A 294 -17.55 16.49 -16.93
CA ALA A 294 -16.95 15.74 -18.03
C ALA A 294 -16.78 14.25 -17.74
N PHE A 295 -16.78 13.92 -16.46
CA PHE A 295 -16.64 12.55 -16.14
C PHE A 295 -17.90 11.78 -16.59
N LYS A 296 -19.09 12.40 -16.59
CA LYS A 296 -20.28 11.75 -17.18
C LYS A 296 -20.03 11.40 -18.66
N GLU A 297 -19.38 12.29 -19.38
CA GLU A 297 -19.08 12.00 -20.78
C GLU A 297 -18.17 10.79 -20.88
N TYR A 298 -17.12 10.74 -20.05
CA TYR A 298 -16.17 9.61 -20.08
C TYR A 298 -16.89 8.27 -19.86
N GLY A 299 -17.84 8.26 -18.92
CA GLY A 299 -18.61 7.07 -18.62
C GLY A 299 -19.44 6.61 -19.78
N GLU A 300 -20.23 7.53 -20.32
CA GLU A 300 -21.02 7.22 -21.50
C GLU A 300 -20.09 6.60 -22.56
N ASN A 301 -18.88 7.14 -22.74
CA ASN A 301 -18.02 6.59 -23.75
C ASN A 301 -17.42 5.25 -23.43
N VAL A 302 -17.09 5.04 -22.15
CA VAL A 302 -16.65 3.75 -21.73
C VAL A 302 -17.68 2.70 -22.12
N ILE A 303 -18.96 3.00 -21.84
CA ILE A 303 -20.07 2.08 -22.08
C ILE A 303 -20.25 1.79 -23.56
N LYS A 304 -20.21 2.85 -24.38
CA LYS A 304 -20.42 2.71 -25.84
C LYS A 304 -19.23 1.98 -26.42
N ASN A 305 -18.02 2.31 -25.97
CA ASN A 305 -16.84 1.69 -26.55
C ASN A 305 -16.82 0.18 -26.28
N ALA A 306 -17.19 -0.23 -25.08
CA ALA A 306 -17.19 -1.64 -24.71
C ALA A 306 -18.25 -2.33 -25.52
N ALA A 307 -19.40 -1.71 -25.68
CA ALA A 307 -20.51 -2.33 -26.40
C ALA A 307 -20.17 -2.51 -27.87
N ALA A 308 -19.59 -1.48 -28.46
CA ALA A 308 -19.09 -1.59 -29.85
C ALA A 308 -18.11 -2.75 -30.03
N MET A 309 -17.13 -2.87 -29.13
CA MET A 309 -16.22 -4.01 -29.26
C MET A 309 -16.93 -5.35 -29.17
N ALA A 310 -17.91 -5.44 -28.30
CA ALA A 310 -18.59 -6.71 -28.04
C ALA A 310 -19.45 -7.12 -29.18
N ASP A 311 -20.00 -6.13 -29.88
CA ASP A 311 -20.88 -6.39 -31.01
C ASP A 311 -20.18 -7.19 -32.13
N VAL A 312 -18.94 -6.83 -32.40
CA VAL A 312 -18.11 -7.54 -33.34
C VAL A 312 -18.06 -9.01 -32.96
N PHE A 313 -17.76 -9.34 -31.71
CA PHE A 313 -17.74 -10.77 -31.36
C PHE A 313 -19.12 -11.41 -31.32
N ASN A 314 -20.12 -10.64 -30.97
CA ASN A 314 -21.49 -11.23 -30.91
C ASN A 314 -21.85 -11.80 -32.30
N GLN A 315 -21.79 -10.88 -33.25
CA GLN A 315 -22.07 -11.09 -34.67
C GLN A 315 -21.17 -12.10 -35.38
N HIS A 316 -19.92 -12.18 -34.99
CA HIS A 316 -19.11 -13.25 -35.49
C HIS A 316 -19.60 -14.60 -34.89
N PRO A 317 -19.71 -15.59 -35.79
CA PRO A 317 -20.18 -16.93 -35.54
C PRO A 317 -19.20 -17.80 -34.79
N ASP A 318 -17.93 -17.59 -34.94
CA ASP A 318 -16.90 -18.35 -34.20
C ASP A 318 -16.61 -17.82 -32.80
N PHE A 319 -17.23 -16.70 -32.42
CA PHE A 319 -17.11 -16.19 -31.05
C PHE A 319 -18.45 -15.94 -30.36
N ARG A 320 -18.39 -16.21 -29.06
CA ARG A 320 -19.50 -16.00 -28.13
C ARG A 320 -19.13 -15.10 -26.90
N VAL A 321 -19.91 -14.06 -26.68
CA VAL A 321 -19.71 -13.15 -25.57
C VAL A 321 -20.51 -13.66 -24.39
N ILE A 322 -19.92 -13.66 -23.22
CA ILE A 322 -20.58 -14.22 -22.05
C ILE A 322 -21.75 -13.28 -21.67
N SER A 323 -22.90 -13.92 -21.42
CA SER A 323 -24.17 -13.24 -21.21
C SER A 323 -24.66 -12.54 -22.46
N GLY A 324 -24.04 -12.80 -23.60
CA GLY A 324 -24.42 -12.16 -24.85
C GLY A 324 -24.14 -10.68 -25.04
N GLY A 325 -23.34 -10.08 -24.17
CA GLY A 325 -23.06 -8.65 -24.32
C GLY A 325 -22.70 -8.09 -22.96
N THR A 326 -22.83 -6.76 -22.86
CA THR A 326 -22.39 -6.05 -21.68
C THR A 326 -23.21 -4.80 -21.46
N ASN A 327 -23.34 -4.41 -20.20
CA ASN A 327 -23.85 -3.08 -19.86
C ASN A 327 -22.89 -2.30 -19.00
N ASN A 328 -21.63 -2.67 -19.04
CA ASN A 328 -20.62 -1.92 -18.34
C ASN A 328 -19.37 -1.81 -19.20
N HIS A 329 -18.21 -1.69 -18.57
CA HIS A 329 -16.91 -1.42 -19.27
C HIS A 329 -16.18 -2.66 -19.74
N LEU A 330 -16.72 -3.86 -19.46
CA LEU A 330 -16.02 -5.07 -19.86
C LEU A 330 -16.90 -6.15 -20.41
N PHE A 331 -16.26 -7.20 -20.91
CA PHE A 331 -16.95 -8.41 -21.36
C PHE A 331 -15.99 -9.58 -21.47
N LEU A 332 -16.51 -10.79 -21.57
CA LEU A 332 -15.67 -11.93 -21.85
C LEU A 332 -16.07 -12.60 -23.13
N VAL A 333 -15.07 -13.15 -23.81
CA VAL A 333 -15.34 -13.89 -25.04
C VAL A 333 -14.80 -15.29 -24.92
N ASP A 334 -15.59 -16.28 -25.31
CA ASP A 334 -15.09 -17.68 -25.41
C ASP A 334 -14.34 -17.77 -26.71
N VAL A 335 -13.05 -18.00 -26.64
CA VAL A 335 -12.24 -18.07 -27.85
C VAL A 335 -12.00 -19.48 -28.39
N THR A 336 -12.52 -20.50 -27.73
CA THR A 336 -12.02 -21.87 -27.95
C THR A 336 -12.40 -22.51 -29.29
N LYS A 337 -13.34 -21.95 -30.03
CA LYS A 337 -13.57 -22.40 -31.39
C LYS A 337 -12.52 -21.93 -32.36
N VAL A 338 -11.69 -20.96 -32.00
CA VAL A 338 -10.70 -20.39 -32.93
C VAL A 338 -9.24 -20.66 -32.53
N VAL A 339 -8.94 -20.62 -31.25
CA VAL A 339 -7.65 -21.01 -30.73
C VAL A 339 -7.88 -21.90 -29.54
N GLU A 340 -6.83 -22.51 -29.06
CA GLU A 340 -7.00 -23.57 -28.12
C GLU A 340 -7.56 -23.10 -26.81
N ASN A 341 -7.01 -22.01 -26.29
CA ASN A 341 -7.47 -21.48 -25.03
C ASN A 341 -7.17 -20.00 -24.89
N GLY A 342 -7.51 -19.41 -23.74
CA GLY A 342 -7.32 -17.98 -23.52
C GLY A 342 -5.89 -17.50 -23.39
N LYS A 343 -5.01 -18.32 -22.83
CA LYS A 343 -3.58 -18.01 -22.79
C LYS A 343 -3.04 -17.85 -24.21
N VAL A 344 -3.50 -18.71 -25.11
CA VAL A 344 -3.07 -18.63 -26.49
C VAL A 344 -3.55 -17.34 -27.08
N ALA A 345 -4.82 -17.01 -26.87
CA ALA A 345 -5.35 -15.76 -27.41
C ALA A 345 -4.64 -14.54 -26.83
N GLN A 346 -4.30 -14.62 -25.56
CA GLN A 346 -3.62 -13.52 -24.93
C GLN A 346 -2.29 -13.38 -25.60
N ASN A 347 -1.60 -14.48 -25.82
CA ASN A 347 -0.32 -14.38 -26.50
C ASN A 347 -0.32 -13.84 -27.93
N VAL A 348 -1.32 -14.23 -28.69
CA VAL A 348 -1.44 -13.82 -30.07
C VAL A 348 -1.72 -12.36 -30.19
N LEU A 349 -2.59 -11.87 -29.33
CA LEU A 349 -2.95 -10.44 -29.40
C LEU A 349 -1.77 -9.59 -28.98
N GLU A 350 -1.01 -10.11 -28.04
CA GLU A 350 0.15 -9.43 -27.62
C GLU A 350 1.09 -9.35 -28.84
N GLU A 351 1.10 -10.34 -29.74
CA GLU A 351 2.07 -10.28 -30.84
C GLU A 351 1.74 -9.03 -31.68
N VAL A 352 0.49 -8.56 -31.68
CA VAL A 352 0.08 -7.37 -32.42
C VAL A 352 -0.11 -6.14 -31.55
N ASN A 353 0.61 -6.09 -30.42
CA ASN A 353 0.49 -4.95 -29.51
C ASN A 353 -0.96 -4.59 -29.03
N ILE A 354 -1.77 -5.63 -28.85
CA ILE A 354 -3.02 -5.55 -28.09
C ILE A 354 -2.90 -6.40 -26.80
N THR A 355 -2.87 -5.73 -25.65
CA THR A 355 -2.71 -6.44 -24.34
C THR A 355 -4.06 -6.52 -23.63
N LEU A 356 -4.43 -7.75 -23.34
CA LEU A 356 -5.52 -8.04 -22.47
C LEU A 356 -5.12 -9.23 -21.57
N ASN A 357 -6.10 -9.88 -20.95
CA ASN A 357 -5.86 -11.05 -20.14
C ASN A 357 -6.84 -12.14 -20.45
N LYS A 358 -6.28 -13.35 -20.48
CA LYS A 358 -7.05 -14.58 -20.57
C LYS A 358 -7.91 -14.59 -19.32
N ASN A 359 -9.03 -15.33 -19.37
CA ASN A 359 -9.93 -15.29 -18.26
C ASN A 359 -10.87 -16.46 -18.27
N SER A 360 -11.08 -17.03 -17.07
CA SER A 360 -12.06 -18.07 -16.85
C SER A 360 -13.40 -17.53 -17.28
N ILE A 361 -14.21 -18.38 -17.89
CA ILE A 361 -15.59 -18.07 -18.11
C ILE A 361 -16.44 -18.80 -17.07
N PRO A 362 -17.70 -18.42 -16.90
CA PRO A 362 -18.51 -19.23 -15.97
C PRO A 362 -18.51 -20.72 -16.29
N TYR A 363 -18.45 -21.58 -15.28
CA TYR A 363 -18.41 -23.05 -15.42
C TYR A 363 -17.22 -23.51 -16.25
N GLU A 364 -16.13 -22.80 -16.11
CA GLU A 364 -14.95 -23.00 -16.93
C GLU A 364 -14.55 -24.50 -16.94
N GLN A 365 -14.40 -25.14 -18.11
CA GLN A 365 -13.93 -26.56 -18.19
C GLN A 365 -12.43 -26.73 -18.20
N LEU A 366 -11.69 -25.70 -18.61
CA LEU A 366 -10.23 -25.84 -18.77
C LEU A 366 -9.47 -25.41 -17.54
N SER A 367 -8.17 -25.62 -17.59
CA SER A 367 -7.31 -25.31 -16.49
C SER A 367 -7.40 -23.82 -16.13
N PRO A 368 -7.31 -23.50 -14.86
CA PRO A 368 -7.17 -22.09 -14.58
C PRO A 368 -6.00 -21.40 -15.29
N PHE A 369 -4.94 -22.13 -15.61
CA PHE A 369 -3.75 -21.53 -16.24
C PHE A 369 -3.97 -21.28 -17.71
N LYS A 370 -5.03 -21.85 -18.27
CA LYS A 370 -5.33 -21.80 -19.67
C LYS A 370 -6.57 -20.99 -19.96
N THR A 371 -7.68 -21.40 -19.34
CA THR A 371 -9.01 -20.82 -19.51
C THR A 371 -9.59 -20.88 -20.92
N SER A 372 -10.89 -20.65 -21.02
CA SER A 372 -11.62 -20.69 -22.29
C SER A 372 -11.84 -19.32 -22.84
N GLY A 373 -11.42 -18.26 -22.15
CA GLY A 373 -11.88 -16.93 -22.49
C GLY A 373 -10.82 -15.86 -22.50
N ILE A 374 -11.20 -14.72 -23.06
CA ILE A 374 -10.46 -13.45 -22.84
C ILE A 374 -11.39 -12.46 -22.23
N ARG A 375 -10.79 -11.53 -21.46
CA ARG A 375 -11.53 -10.38 -20.93
C ARG A 375 -11.07 -9.08 -21.57
N VAL A 376 -12.02 -8.31 -22.06
CA VAL A 376 -11.78 -7.05 -22.70
C VAL A 376 -12.43 -5.88 -21.97
N GLY A 377 -11.69 -4.80 -21.80
CA GLY A 377 -12.31 -3.58 -21.30
C GLY A 377 -12.01 -2.32 -22.14
N SER A 378 -12.95 -1.38 -22.08
CA SER A 378 -12.81 -0.10 -22.70
C SER A 378 -12.13 1.03 -21.93
N PRO A 379 -11.89 0.95 -20.61
CA PRO A 379 -11.54 2.25 -20.02
C PRO A 379 -10.27 2.93 -20.51
N ALA A 380 -9.24 2.15 -20.77
CA ALA A 380 -7.97 2.75 -21.12
C ALA A 380 -8.07 3.40 -22.51
N ILE A 381 -8.62 2.67 -23.48
CA ILE A 381 -8.74 3.29 -24.80
C ILE A 381 -9.69 4.48 -24.77
N THR A 382 -10.66 4.48 -23.89
CA THR A 382 -11.60 5.56 -23.87
C THR A 382 -10.89 6.76 -23.29
N SER A 383 -10.00 6.51 -22.35
CA SER A 383 -9.26 7.60 -21.79
C SER A 383 -8.26 8.19 -22.76
N ARG A 384 -7.83 7.43 -23.75
CA ARG A 384 -6.92 7.98 -24.72
C ARG A 384 -7.69 8.75 -25.78
N GLY A 385 -9.01 8.64 -25.79
CA GLY A 385 -9.81 9.54 -26.60
C GLY A 385 -10.50 8.80 -27.72
N MET A 386 -10.31 7.50 -27.79
CA MET A 386 -10.97 6.66 -28.79
C MET A 386 -12.47 6.54 -28.62
N GLY A 387 -13.15 6.30 -29.73
CA GLY A 387 -14.62 6.35 -29.83
C GLY A 387 -15.09 5.04 -30.45
N GLU A 388 -16.35 5.04 -30.86
CA GLU A 388 -16.96 3.76 -31.27
C GLU A 388 -16.26 3.10 -32.43
N ALA A 389 -15.93 3.86 -33.46
CA ALA A 389 -15.34 3.32 -34.65
C ALA A 389 -13.98 2.70 -34.37
N GLU A 390 -13.14 3.39 -33.62
CA GLU A 390 -11.81 2.83 -33.27
C GLU A 390 -11.99 1.53 -32.47
N SER A 391 -12.93 1.55 -31.54
CA SER A 391 -13.24 0.41 -30.72
C SER A 391 -13.67 -0.75 -31.63
N ARG A 392 -14.55 -0.49 -32.56
CA ARG A 392 -15.02 -1.51 -33.47
C ARG A 392 -13.83 -2.10 -34.28
N GLN A 393 -12.97 -1.21 -34.74
CA GLN A 393 -11.83 -1.59 -35.53
C GLN A 393 -10.87 -2.49 -34.74
N ILE A 394 -10.67 -2.10 -33.49
CA ILE A 394 -9.85 -2.91 -32.60
C ILE A 394 -10.39 -4.33 -32.50
N ALA A 395 -11.68 -4.44 -32.32
CA ALA A 395 -12.28 -5.75 -32.14
C ALA A 395 -12.13 -6.51 -33.45
N GLU A 396 -12.28 -5.84 -34.59
CA GLU A 396 -12.08 -6.54 -35.87
C GLU A 396 -10.64 -7.06 -35.89
N TRP A 397 -9.67 -6.25 -35.44
CA TRP A 397 -8.30 -6.69 -35.56
C TRP A 397 -8.06 -7.85 -34.62
N MET A 398 -8.81 -7.94 -33.53
CA MET A 398 -8.56 -9.04 -32.60
C MET A 398 -9.06 -10.33 -33.24
N VAL A 399 -10.25 -10.26 -33.79
CA VAL A 399 -10.82 -11.34 -34.55
C VAL A 399 -9.85 -11.82 -35.65
N GLU A 400 -9.44 -10.88 -36.47
CA GLU A 400 -8.52 -11.16 -37.54
C GLU A 400 -7.22 -11.78 -37.00
N ALA A 401 -6.67 -11.25 -35.93
CA ALA A 401 -5.42 -11.85 -35.46
C ALA A 401 -5.60 -13.30 -34.95
N LEU A 402 -6.73 -13.58 -34.33
CA LEU A 402 -6.94 -14.93 -33.79
C LEU A 402 -7.25 -15.93 -34.91
N GLU A 403 -7.98 -15.47 -35.90
CA GLU A 403 -8.31 -16.32 -37.03
C GLU A 403 -7.15 -16.62 -37.94
N ASN A 404 -6.15 -15.76 -37.93
CA ASN A 404 -4.95 -15.94 -38.68
C ASN A 404 -3.76 -15.97 -37.78
N HIS A 405 -3.89 -16.58 -36.59
CA HIS A 405 -2.75 -16.58 -35.67
C HIS A 405 -1.50 -17.21 -36.19
N ASP A 406 -1.61 -18.12 -37.15
CA ASP A 406 -0.45 -18.79 -37.75
C ASP A 406 -0.03 -18.19 -39.10
N LYS A 407 -0.39 -16.95 -39.39
CA LYS A 407 -0.03 -16.27 -40.61
C LYS A 407 0.77 -15.03 -40.28
N PRO A 408 2.06 -15.20 -40.00
CA PRO A 408 2.92 -14.11 -39.58
C PRO A 408 2.77 -12.83 -40.35
N GLU A 409 2.39 -12.96 -41.61
CA GLU A 409 2.32 -11.85 -42.52
C GLU A 409 1.12 -10.98 -42.19
N VAL A 410 0.06 -11.62 -41.72
CA VAL A 410 -1.20 -10.91 -41.32
C VAL A 410 -0.97 -10.16 -40.00
N LEU A 411 -0.46 -10.91 -39.01
CA LEU A 411 -0.01 -10.36 -37.73
C LEU A 411 0.90 -9.18 -37.93
N GLU A 412 1.85 -9.31 -38.85
CA GLU A 412 2.77 -8.18 -39.13
C GLU A 412 1.98 -6.98 -39.63
N ARG A 413 0.99 -7.24 -40.47
CA ARG A 413 0.22 -6.15 -41.05
C ARG A 413 -0.69 -5.46 -40.00
N ILE A 414 -1.32 -6.30 -39.16
CA ILE A 414 -2.21 -5.79 -38.08
C ILE A 414 -1.38 -4.89 -37.15
N ARG A 415 -0.19 -5.36 -36.81
CA ARG A 415 0.70 -4.61 -35.93
C ARG A 415 0.95 -3.23 -36.51
N GLY A 416 1.17 -3.14 -37.83
CA GLY A 416 1.39 -1.82 -38.43
C GLY A 416 0.16 -0.93 -38.44
N ASP A 417 -1.01 -1.54 -38.70
CA ASP A 417 -2.30 -0.77 -38.63
C ASP A 417 -2.53 -0.18 -37.25
N VAL A 418 -2.18 -0.98 -36.22
CA VAL A 418 -2.26 -0.60 -34.80
C VAL A 418 -1.31 0.55 -34.47
N LYS A 419 -0.12 0.57 -35.06
CA LYS A 419 0.75 1.72 -34.84
C LYS A 419 0.14 3.03 -35.34
N VAL A 420 -0.62 2.93 -36.43
CA VAL A 420 -1.24 4.12 -37.00
C VAL A 420 -2.23 4.64 -35.99
N LEU A 421 -3.03 3.74 -35.46
CA LEU A 421 -4.02 4.11 -34.42
C LEU A 421 -3.40 4.63 -33.11
N THR A 422 -2.40 3.93 -32.60
CA THR A 422 -1.78 4.42 -31.40
C THR A 422 -1.13 5.77 -31.65
N ASP A 423 -0.47 5.95 -32.81
CA ASP A 423 0.13 7.26 -33.11
C ASP A 423 -0.94 8.35 -33.07
N ALA A 424 -2.13 7.99 -33.51
CA ALA A 424 -3.17 8.97 -33.71
C ALA A 424 -3.89 9.30 -32.43
N PHE A 425 -3.81 8.43 -31.42
CA PHE A 425 -4.37 8.81 -30.10
C PHE A 425 -3.31 8.67 -29.03
N PRO A 426 -2.42 9.68 -28.95
CA PRO A 426 -1.31 9.58 -28.01
C PRO A 426 -1.81 9.54 -26.57
N LEU A 427 -1.04 8.80 -25.79
CA LEU A 427 -1.36 8.53 -24.42
C LEU A 427 -1.62 9.79 -23.61
N TYR A 428 -0.68 10.75 -23.66
CA TYR A 428 -0.77 11.89 -22.74
C TYR A 428 -0.90 13.21 -23.45
N ASP B 19 -1.53 22.91 -17.42
CA ASP B 19 -1.67 23.49 -16.05
C ASP B 19 -2.92 23.01 -15.29
N TYR B 20 -2.79 21.80 -14.77
CA TYR B 20 -3.81 21.11 -13.94
C TYR B 20 -3.95 21.63 -12.49
N LYS B 21 -2.95 22.36 -11.98
CA LYS B 21 -3.06 22.92 -10.64
C LYS B 21 -4.16 23.95 -10.62
N ALA B 22 -4.52 24.44 -11.80
CA ALA B 22 -5.56 25.49 -11.86
C ALA B 22 -6.91 24.87 -11.66
N PHE B 23 -7.05 23.61 -12.08
CA PHE B 23 -8.30 22.87 -11.91
C PHE B 23 -8.61 22.56 -10.42
N ASP B 24 -7.59 22.40 -9.57
CA ASP B 24 -7.79 21.98 -8.17
C ASP B 24 -6.91 22.77 -7.21
N PRO B 25 -7.29 24.03 -6.98
CA PRO B 25 -6.36 24.82 -6.22
C PRO B 25 -6.42 24.45 -4.76
N GLU B 26 -7.53 23.94 -4.23
CA GLU B 26 -7.48 23.53 -2.80
C GLU B 26 -6.39 22.48 -2.52
N LEU B 27 -6.33 21.51 -3.41
CA LEU B 27 -5.48 20.40 -3.21
C LEU B 27 -4.08 20.86 -3.39
N TRP B 28 -3.80 21.52 -4.51
CA TRP B 28 -2.42 21.93 -4.79
C TRP B 28 -1.90 23.03 -3.86
N ASN B 29 -2.75 23.95 -3.42
CA ASN B 29 -2.30 24.90 -2.37
C ASN B 29 -1.86 24.15 -1.13
N ALA B 30 -2.63 23.11 -0.79
CA ALA B 30 -2.29 22.30 0.39
C ALA B 30 -0.95 21.61 0.21
N ILE B 31 -0.71 21.06 -0.95
CA ILE B 31 0.63 20.49 -1.19
C ILE B 31 1.77 21.48 -1.04
N ASP B 32 1.55 22.69 -1.55
CA ASP B 32 2.53 23.80 -1.36
C ASP B 32 2.70 24.14 0.12
N ALA B 33 1.58 24.17 0.85
CA ALA B 33 1.64 24.44 2.29
C ALA B 33 2.48 23.41 3.02
N GLU B 34 2.39 22.15 2.57
CA GLU B 34 3.06 21.11 3.27
C GLU B 34 4.53 21.16 2.89
N ALA B 35 4.81 21.54 1.66
CA ALA B 35 6.21 21.68 1.26
C ALA B 35 6.91 22.84 2.06
N GLU B 36 6.20 23.95 2.28
CA GLU B 36 6.73 25.00 3.14
C GLU B 36 6.74 24.58 4.58
N ARG B 37 5.77 23.79 5.06
CA ARG B 37 5.87 23.31 6.45
C ARG B 37 7.10 22.47 6.62
N GLN B 38 7.35 21.62 5.65
CA GLN B 38 8.51 20.76 5.78
C GLN B 38 9.82 21.51 5.73
N GLN B 39 9.85 22.52 4.86
CA GLN B 39 11.02 23.44 4.73
C GLN B 39 11.29 24.23 6.02
N ASN B 40 10.27 24.77 6.66
CA ASN B 40 10.43 25.62 7.87
C ASN B 40 10.37 24.89 9.16
N ASN B 41 10.67 23.62 9.11
CA ASN B 41 10.47 22.80 10.26
C ASN B 41 11.71 21.94 10.44
C ASN B 41 11.71 21.94 10.44
N ILE B 42 12.04 21.70 11.70
CA ILE B 42 13.15 20.84 12.06
C ILE B 42 12.44 19.53 12.39
N GLU B 43 12.65 18.52 11.52
CA GLU B 43 11.88 17.26 11.60
C GLU B 43 12.71 16.22 12.33
N LEU B 44 12.28 15.91 13.53
CA LEU B 44 13.07 15.03 14.37
C LEU B 44 12.32 13.77 14.71
N ILE B 45 11.19 13.59 14.05
CA ILE B 45 10.48 12.37 14.21
C ILE B 45 11.39 11.31 13.59
N ALA B 46 11.68 10.29 14.38
CA ALA B 46 12.80 9.39 14.12
C ALA B 46 12.59 8.45 12.96
N SER B 47 11.31 8.28 12.65
CA SER B 47 10.86 7.45 11.56
C SER B 47 10.77 8.22 10.26
N GLU B 48 10.95 9.56 10.28
CA GLU B 48 10.83 10.33 9.05
C GLU B 48 12.23 10.39 8.43
N ASN B 49 12.21 10.74 7.15
CA ASN B 49 13.40 11.11 6.44
C ASN B 49 12.97 12.07 5.32
N VAL B 50 13.91 12.38 4.45
CA VAL B 50 13.70 13.27 3.32
C VAL B 50 14.22 12.57 2.09
N VAL B 51 13.35 12.14 1.18
CA VAL B 51 13.79 11.33 0.01
C VAL B 51 14.35 12.19 -1.15
N SER B 52 15.20 11.60 -2.00
CA SER B 52 15.67 12.28 -3.18
C SER B 52 14.57 12.58 -4.21
N LYS B 53 14.79 13.64 -4.99
CA LYS B 53 13.95 13.97 -6.15
C LYS B 53 13.71 12.75 -7.03
N ALA B 54 14.73 11.93 -7.17
CA ALA B 54 14.59 10.75 -8.00
C ALA B 54 13.57 9.71 -7.41
N VAL B 55 13.59 9.53 -6.10
CA VAL B 55 12.60 8.68 -5.51
C VAL B 55 11.19 9.24 -5.77
N MET B 56 11.02 10.52 -5.58
CA MET B 56 9.69 11.10 -5.80
C MET B 56 9.31 10.97 -7.23
N ALA B 57 10.26 11.20 -8.13
CA ALA B 57 9.94 11.17 -9.53
C ALA B 57 9.53 9.77 -9.90
N ALA B 58 10.18 8.74 -9.39
CA ALA B 58 9.78 7.39 -9.83
C ALA B 58 8.34 7.05 -9.41
N GLN B 59 7.93 7.53 -8.23
CA GLN B 59 6.58 7.28 -7.76
C GLN B 59 5.60 8.09 -8.52
N GLY B 60 6.05 9.14 -9.20
CA GLY B 60 5.14 9.97 -10.01
C GLY B 60 5.12 9.51 -11.45
N THR B 61 5.41 8.24 -11.74
CA THR B 61 5.41 7.79 -13.13
C THR B 61 4.14 7.11 -13.48
N LEU B 62 3.99 6.86 -14.78
CA LEU B 62 2.88 6.09 -15.26
C LEU B 62 2.97 4.59 -15.05
N LEU B 63 3.98 4.15 -14.32
CA LEU B 63 3.93 2.76 -13.81
C LEU B 63 2.69 2.47 -12.94
N THR B 64 2.08 3.52 -12.40
CA THR B 64 0.87 3.38 -11.61
C THR B 64 -0.24 2.82 -12.46
N ASN B 65 -0.15 2.96 -13.78
CA ASN B 65 -1.20 2.41 -14.64
C ASN B 65 -1.13 0.89 -14.77
N LYS B 66 -0.08 0.25 -14.31
CA LYS B 66 0.12 -1.14 -14.74
C LYS B 66 -0.18 -2.20 -13.64
N TYR B 67 -1.11 -3.12 -13.94
CA TYR B 67 -1.41 -4.32 -13.09
C TYR B 67 -0.37 -5.38 -13.25
N ALA B 68 0.20 -5.85 -12.16
CA ALA B 68 1.25 -6.86 -12.28
C ALA B 68 1.15 -7.91 -11.17
N GLU B 69 -0.06 -8.39 -10.90
CA GLU B 69 -0.25 -9.53 -10.03
C GLU B 69 0.69 -10.63 -10.42
N GLY B 70 1.41 -11.18 -9.42
CA GLY B 70 2.33 -12.28 -9.67
C GLY B 70 3.72 -11.82 -9.41
N TYR B 71 4.69 -12.51 -9.99
CA TYR B 71 6.11 -12.17 -9.79
C TYR B 71 6.83 -12.15 -11.18
N PRO B 72 8.05 -11.59 -11.24
CA PRO B 72 8.80 -11.50 -12.48
C PRO B 72 8.85 -12.78 -13.27
N GLY B 73 8.35 -12.73 -14.51
CA GLY B 73 8.31 -13.91 -15.32
C GLY B 73 7.11 -14.80 -15.14
N LYS B 74 6.45 -14.76 -13.97
CA LYS B 74 5.24 -15.54 -13.78
C LYS B 74 4.13 -14.60 -13.38
N ARG B 75 3.65 -13.76 -14.30
CA ARG B 75 2.65 -12.74 -13.97
C ARG B 75 1.32 -13.22 -14.43
N TYR B 76 0.24 -12.65 -13.91
CA TYR B 76 -1.09 -13.06 -14.41
C TYR B 76 -1.40 -12.38 -15.78
N TYR B 77 -1.07 -11.10 -15.94
CA TYR B 77 -1.38 -10.32 -17.16
C TYR B 77 -0.22 -10.25 -18.21
N GLY B 78 -0.61 -9.85 -19.43
CA GLY B 78 0.34 -9.64 -20.52
C GLY B 78 1.03 -8.28 -20.48
N GLY B 79 2.14 -8.15 -21.19
CA GLY B 79 2.80 -6.85 -21.38
C GLY B 79 3.52 -6.36 -20.15
N THR B 80 4.16 -7.28 -19.45
CA THR B 80 4.73 -7.01 -18.15
C THR B 80 6.24 -7.15 -18.19
N ALA B 81 6.81 -7.21 -19.39
CA ALA B 81 8.26 -7.49 -19.53
C ALA B 81 9.09 -6.32 -18.98
N VAL B 82 8.54 -5.10 -19.04
CA VAL B 82 9.30 -3.95 -18.58
C VAL B 82 9.12 -3.81 -17.05
N ILE B 83 7.89 -3.97 -16.56
CA ILE B 83 7.67 -4.03 -15.11
C ILE B 83 8.63 -5.04 -14.48
N ASP B 84 8.77 -6.19 -15.13
CA ASP B 84 9.62 -7.26 -14.61
C ASP B 84 11.10 -6.86 -14.47
N VAL B 85 11.56 -6.07 -15.40
CA VAL B 85 12.89 -5.51 -15.32
C VAL B 85 13.01 -4.58 -14.12
N VAL B 86 12.01 -3.71 -13.98
CA VAL B 86 11.99 -2.80 -12.84
C VAL B 86 11.91 -3.56 -11.49
N GLU B 87 11.00 -4.53 -11.39
CA GLU B 87 10.87 -5.23 -10.10
C GLU B 87 12.15 -6.03 -9.80
N THR B 88 12.71 -6.65 -10.84
CA THR B 88 13.93 -7.43 -10.70
C THR B 88 15.13 -6.55 -10.25
N LEU B 89 15.23 -5.33 -10.75
CA LEU B 89 16.21 -4.40 -10.20
C LEU B 89 16.06 -4.17 -8.73
N ALA B 90 14.84 -3.87 -8.28
CA ALA B 90 14.62 -3.67 -6.82
C ALA B 90 15.06 -4.89 -6.05
N ILE B 91 14.75 -6.07 -6.55
CA ILE B 91 14.97 -7.31 -5.81
C ILE B 91 16.47 -7.55 -5.73
N GLU B 92 17.13 -7.38 -6.90
CA GLU B 92 18.56 -7.65 -7.05
C GLU B 92 19.36 -6.65 -6.25
N ARG B 93 18.85 -5.42 -6.16
CA ARG B 93 19.55 -4.43 -5.39
C ARG B 93 19.43 -4.69 -3.94
N ALA B 94 18.27 -5.20 -3.49
CA ALA B 94 18.07 -5.52 -2.05
C ALA B 94 18.95 -6.66 -1.65
N LYS B 95 19.05 -7.64 -2.52
CA LYS B 95 19.93 -8.74 -2.27
C LYS B 95 21.38 -8.32 -2.15
N LYS B 96 21.90 -7.54 -3.13
CA LYS B 96 23.28 -7.10 -3.09
C LYS B 96 23.47 -6.30 -1.86
N LEU B 97 22.61 -5.34 -1.64
CA LEU B 97 22.81 -4.40 -0.56
C LEU B 97 22.79 -5.06 0.80
N PHE B 98 21.84 -5.96 1.07
CA PHE B 98 21.70 -6.59 2.39
C PHE B 98 22.35 -7.96 2.52
N GLY B 99 22.86 -8.52 1.43
CA GLY B 99 23.61 -9.78 1.52
C GLY B 99 22.68 -10.97 1.73
N ALA B 100 21.51 -10.92 1.07
CA ALA B 100 20.48 -11.94 1.18
C ALA B 100 20.34 -12.65 -0.11
N LYS B 101 19.90 -13.89 -0.05
CA LYS B 101 19.70 -14.66 -1.25
C LYS B 101 18.36 -14.44 -1.91
N PHE B 102 17.38 -13.97 -1.15
CA PHE B 102 16.06 -13.80 -1.70
C PHE B 102 15.46 -12.50 -1.19
N ALA B 103 14.62 -11.84 -1.99
CA ALA B 103 13.93 -10.64 -1.55
C ALA B 103 12.58 -10.59 -2.19
N ASN B 104 11.63 -9.97 -1.49
CA ASN B 104 10.33 -9.71 -2.02
C ASN B 104 10.07 -8.22 -1.84
N VAL B 105 9.76 -7.49 -2.90
CA VAL B 105 9.72 -6.05 -2.78
C VAL B 105 8.29 -5.52 -2.93
N GLN B 106 7.29 -6.40 -2.92
CA GLN B 106 5.90 -5.99 -3.09
C GLN B 106 5.15 -5.49 -1.85
N PRO B 107 5.64 -5.75 -0.66
CA PRO B 107 4.72 -5.36 0.44
C PRO B 107 4.46 -3.88 0.45
N HIS B 108 3.22 -3.54 0.68
CA HIS B 108 2.83 -2.16 0.58
C HIS B 108 3.32 -1.29 1.74
N SER B 109 3.72 -1.92 2.83
CA SER B 109 4.08 -1.22 4.04
C SER B 109 4.92 -2.10 4.90
N GLY B 110 5.48 -1.54 5.94
CA GLY B 110 6.10 -2.36 6.96
C GLY B 110 5.13 -3.33 7.61
N SER B 111 3.89 -2.87 7.85
CA SER B 111 2.89 -3.71 8.48
C SER B 111 2.53 -4.95 7.63
N GLN B 112 2.34 -4.71 6.33
CA GLN B 112 1.96 -5.79 5.40
C GLN B 112 3.16 -6.76 5.30
N ALA B 113 4.37 -6.23 5.34
CA ALA B 113 5.51 -7.09 5.23
C ALA B 113 5.52 -8.07 6.43
N ASN B 114 5.25 -7.54 7.62
CA ASN B 114 5.31 -8.39 8.82
C ASN B 114 4.15 -9.40 8.82
N ALA B 115 2.96 -8.99 8.41
CA ALA B 115 1.86 -9.93 8.31
C ALA B 115 2.22 -11.12 7.44
N ALA B 116 2.95 -10.87 6.37
CA ALA B 116 3.27 -11.91 5.43
C ALA B 116 4.20 -12.91 6.06
N VAL B 117 5.17 -12.45 6.81
CA VAL B 117 6.11 -13.38 7.46
C VAL B 117 5.36 -14.33 8.45
N TYR B 118 4.44 -13.76 9.22
CA TYR B 118 3.73 -14.55 10.20
C TYR B 118 2.94 -15.58 9.43
N MET B 119 2.28 -15.17 8.37
CA MET B 119 1.47 -16.10 7.58
C MET B 119 2.33 -17.24 7.01
N SER B 120 3.59 -16.95 6.79
CA SER B 120 4.48 -17.88 6.22
C SER B 120 5.13 -18.86 7.20
N LEU B 121 5.24 -18.49 8.47
CA LEU B 121 6.10 -19.23 9.42
C LEU B 121 5.34 -19.92 10.59
N ILE B 122 4.18 -19.36 10.95
CA ILE B 122 3.39 -19.84 12.05
C ILE B 122 1.92 -19.90 11.67
N GLN B 123 1.06 -20.32 12.60
CA GLN B 123 -0.37 -20.46 12.39
C GLN B 123 -1.11 -19.57 13.35
N PRO B 124 -2.36 -19.29 13.04
CA PRO B 124 -3.15 -18.58 14.02
C PRO B 124 -3.14 -19.33 15.35
N GLY B 125 -3.02 -18.61 16.45
CA GLY B 125 -3.01 -19.20 17.76
C GLY B 125 -1.64 -19.58 18.26
N ASP B 126 -0.62 -19.64 17.36
CA ASP B 126 0.73 -20.01 17.79
C ASP B 126 1.26 -18.88 18.59
N THR B 127 2.24 -19.20 19.42
CA THR B 127 2.76 -18.25 20.38
C THR B 127 4.05 -17.61 19.87
N VAL B 128 4.16 -16.30 20.13
CA VAL B 128 5.20 -15.44 19.58
C VAL B 128 5.70 -14.51 20.69
N MET B 129 7.01 -14.35 20.76
CA MET B 129 7.59 -13.33 21.64
C MET B 129 8.09 -12.16 20.83
N GLY B 130 7.69 -10.97 21.26
CA GLY B 130 8.17 -9.77 20.68
C GLY B 130 8.36 -8.70 21.73
N MET B 131 9.12 -7.66 21.38
CA MET B 131 9.44 -6.61 22.32
C MET B 131 8.18 -5.84 22.72
N ASP B 132 8.13 -5.52 24.00
CA ASP B 132 6.96 -4.92 24.64
C ASP B 132 6.82 -3.50 24.06
N LEU B 133 5.57 -3.09 23.88
CA LEU B 133 5.21 -1.83 23.23
C LEU B 133 5.78 -0.62 23.94
N SER B 134 5.77 -0.64 25.27
CA SER B 134 6.32 0.45 26.08
C SER B 134 7.81 0.59 25.96
N ALA B 135 8.49 -0.53 25.85
CA ALA B 135 9.92 -0.57 25.57
C ALA B 135 10.31 -0.48 24.10
N GLY B 136 9.36 -0.22 23.19
CA GLY B 136 9.68 0.11 21.78
C GLY B 136 9.43 -0.89 20.68
N GLY B 137 8.82 -2.00 21.00
CA GLY B 137 8.17 -2.83 20.01
C GLY B 137 7.05 -2.12 19.28
N HIS B 138 6.74 -2.60 18.09
CA HIS B 138 5.76 -2.00 17.19
C HIS B 138 4.41 -2.59 17.43
N LEU B 139 3.35 -1.87 17.04
CA LEU B 139 2.01 -2.43 17.04
C LEU B 139 1.90 -3.87 16.48
N THR B 140 2.62 -4.13 15.38
CA THR B 140 2.51 -5.36 14.62
C THR B 140 3.36 -6.44 15.22
N HIS B 141 4.04 -6.08 16.32
CA HIS B 141 4.68 -7.05 17.20
C HIS B 141 3.83 -7.47 18.37
N GLY B 142 2.51 -7.37 18.29
CA GLY B 142 1.62 -7.99 19.28
C GLY B 142 0.57 -7.15 20.00
N ALA B 143 0.31 -5.93 19.57
CA ALA B 143 -0.70 -5.14 20.26
C ALA B 143 -1.99 -5.80 20.07
N PRO B 144 -2.82 -5.75 21.10
CA PRO B 144 -4.11 -6.42 21.03
C PRO B 144 -5.05 -5.75 20.07
N VAL B 145 -4.71 -4.55 19.59
CA VAL B 145 -5.54 -3.84 18.56
C VAL B 145 -5.02 -4.00 17.13
N SER B 146 -3.95 -4.74 17.00
CA SER B 146 -3.37 -5.04 15.74
C SER B 146 -3.80 -6.46 15.39
N PHE B 147 -3.84 -6.75 14.11
CA PHE B 147 -3.98 -8.11 13.60
C PHE B 147 -3.01 -9.08 14.26
N SER B 148 -1.82 -8.57 14.61
CA SER B 148 -0.77 -9.39 15.20
C SER B 148 -1.21 -10.05 16.54
N GLY B 149 -1.65 -9.24 17.51
CA GLY B 149 -2.18 -9.76 18.78
C GLY B 149 -3.56 -10.40 18.72
N LYS B 150 -4.31 -10.08 17.69
CA LYS B 150 -5.61 -10.69 17.45
C LYS B 150 -5.48 -12.07 16.89
N THR B 151 -4.39 -12.43 16.23
CA THR B 151 -4.36 -13.70 15.50
C THR B 151 -3.41 -14.67 16.12
N TYR B 152 -2.40 -14.15 16.79
CA TYR B 152 -1.32 -14.93 17.36
C TYR B 152 -1.20 -14.52 18.81
N ASN B 153 -0.72 -15.47 19.59
CA ASN B 153 -0.56 -15.28 21.02
C ASN B 153 0.78 -14.60 21.32
N PHE B 154 0.77 -13.29 21.33
CA PHE B 154 1.98 -12.57 21.57
C PHE B 154 2.22 -12.40 23.08
N VAL B 155 3.46 -12.66 23.50
CA VAL B 155 3.90 -12.59 24.87
C VAL B 155 5.17 -11.76 24.83
N SER B 156 5.17 -10.62 25.49
CA SER B 156 6.25 -9.67 25.33
C SER B 156 7.44 -9.92 26.26
N TYR B 157 8.65 -9.62 25.78
CA TYR B 157 9.82 -9.40 26.61
C TYR B 157 10.09 -7.90 26.72
N ASN B 158 10.86 -7.52 27.70
CA ASN B 158 11.01 -6.12 28.07
C ASN B 158 12.47 -5.79 28.09
N VAL B 159 12.81 -4.62 28.57
CA VAL B 159 14.23 -4.35 28.88
C VAL B 159 14.45 -4.49 30.39
N ASP B 160 15.70 -4.67 30.80
CA ASP B 160 16.06 -4.50 32.22
C ASP B 160 15.47 -3.22 32.81
N LYS B 161 15.00 -3.30 34.04
CA LYS B 161 14.34 -2.15 34.70
C LYS B 161 15.38 -1.05 35.04
N GLU B 162 16.64 -1.46 35.29
CA GLU B 162 17.70 -0.54 35.72
C GLU B 162 18.38 0.01 34.51
N SER B 163 19.01 -0.91 33.76
CA SER B 163 19.89 -0.59 32.67
C SER B 163 19.11 -0.12 31.48
N GLU B 164 17.85 -0.54 31.43
CA GLU B 164 16.97 -0.25 30.32
C GLU B 164 17.53 -0.84 29.02
N LEU B 165 18.42 -1.82 29.16
CA LEU B 165 18.91 -2.62 28.08
C LEU B 165 18.20 -3.95 28.06
N LEU B 166 18.32 -4.55 26.88
CA LEU B 166 17.87 -5.89 26.62
C LEU B 166 18.75 -6.79 27.40
N ASP B 167 18.17 -7.72 28.16
CA ASP B 167 18.93 -8.72 28.89
C ASP B 167 18.75 -10.07 28.23
N TYR B 168 19.74 -10.45 27.46
CA TYR B 168 19.68 -11.71 26.72
C TYR B 168 19.61 -12.95 27.61
N ASP B 169 20.13 -12.88 28.83
CA ASP B 169 19.93 -14.00 29.78
C ASP B 169 18.49 -14.09 30.23
N ALA B 170 17.92 -12.94 30.61
CA ALA B 170 16.51 -12.90 31.05
C ALA B 170 15.66 -13.44 29.91
N ILE B 171 15.94 -12.93 28.70
CA ILE B 171 15.12 -13.28 27.55
C ILE B 171 15.20 -14.77 27.22
N LEU B 172 16.40 -15.33 27.31
CA LEU B 172 16.55 -16.79 27.10
C LEU B 172 15.70 -17.61 28.08
N ALA B 173 15.68 -17.19 29.32
CA ALA B 173 14.97 -17.93 30.33
C ALA B 173 13.46 -17.82 30.08
N GLN B 174 13.03 -16.64 29.67
CA GLN B 174 11.61 -16.42 29.42
C GLN B 174 11.17 -17.30 28.24
N ALA B 175 12.01 -17.37 27.22
CA ALA B 175 11.74 -18.18 26.04
C ALA B 175 11.62 -19.60 26.40
N LYS B 176 12.45 -20.03 27.36
CA LYS B 176 12.41 -21.44 27.80
C LYS B 176 11.10 -21.83 28.53
N GLU B 177 10.52 -20.88 29.25
CA GLU B 177 9.16 -21.04 29.78
C GLU B 177 8.09 -20.97 28.71
N VAL B 178 8.20 -19.98 27.83
CA VAL B 178 7.11 -19.67 26.91
C VAL B 178 7.03 -20.67 25.74
N ARG B 179 8.20 -21.01 25.21
CA ARG B 179 8.34 -21.85 24.02
C ARG B 179 7.64 -21.30 22.83
N PRO B 180 7.96 -20.11 22.47
CA PRO B 180 7.26 -19.58 21.29
C PRO B 180 7.65 -20.33 20.01
N LYS B 181 6.81 -20.22 18.98
CA LYS B 181 7.14 -20.73 17.66
C LYS B 181 8.05 -19.75 16.92
N LEU B 182 7.98 -18.50 17.30
CA LEU B 182 8.66 -17.40 16.60
C LEU B 182 9.07 -16.38 17.63
N ILE B 183 10.24 -15.81 17.43
CA ILE B 183 10.62 -14.65 18.22
C ILE B 183 10.87 -13.54 17.26
N VAL B 184 10.37 -12.38 17.61
CA VAL B 184 10.47 -11.24 16.83
C VAL B 184 11.36 -10.32 17.61
N ALA B 185 12.36 -9.82 16.89
CA ALA B 185 13.26 -8.77 17.40
C ALA B 185 13.31 -7.59 16.43
N GLY B 186 13.58 -6.42 17.00
CA GLY B 186 13.50 -5.15 16.25
C GLY B 186 12.63 -4.25 17.08
N ALA B 187 12.80 -2.95 16.89
CA ALA B 187 12.08 -1.95 17.69
C ALA B 187 11.94 -0.63 16.96
N SER B 188 10.99 0.16 17.44
CA SER B 188 10.70 1.51 16.97
C SER B 188 11.28 2.55 17.92
N ALA B 189 11.84 2.12 19.03
CA ALA B 189 12.26 3.10 20.02
C ALA B 189 13.35 2.60 20.95
N TYR B 190 14.26 1.76 20.47
CA TYR B 190 15.38 1.33 21.29
C TYR B 190 16.61 1.95 20.64
N SER B 191 17.43 2.58 21.46
CA SER B 191 18.60 3.34 21.03
C SER B 191 19.87 2.56 20.96
N ARG B 192 19.85 1.29 21.36
CA ARG B 192 21.12 0.54 21.45
C ARG B 192 21.23 -0.53 20.44
N ILE B 193 22.44 -1.05 20.28
CA ILE B 193 22.69 -2.12 19.34
C ILE B 193 21.92 -3.33 19.83
N ILE B 194 21.17 -3.96 18.95
CA ILE B 194 20.52 -5.22 19.21
C ILE B 194 21.45 -6.33 18.78
N ASP B 195 21.60 -7.34 19.64
CA ASP B 195 22.52 -8.38 19.31
C ASP B 195 21.76 -9.54 18.66
N PHE B 196 21.82 -9.56 17.36
CA PHE B 196 21.09 -10.50 16.55
C PHE B 196 21.69 -11.90 16.64
N ALA B 197 22.98 -12.01 16.87
CA ALA B 197 23.55 -13.34 17.10
C ALA B 197 22.93 -13.94 18.38
N LYS B 198 22.75 -13.12 19.40
CA LYS B 198 22.18 -13.68 20.60
C LYS B 198 20.71 -14.07 20.43
N PHE B 199 19.98 -13.32 19.62
CA PHE B 199 18.57 -13.61 19.49
C PHE B 199 18.47 -14.88 18.75
N ARG B 200 19.34 -15.11 17.80
CA ARG B 200 19.28 -16.42 17.09
C ARG B 200 19.70 -17.61 17.96
N GLU B 201 20.64 -17.42 18.90
CA GLU B 201 21.02 -18.54 19.72
C GLU B 201 19.85 -18.82 20.70
N ILE B 202 19.14 -17.77 21.06
CA ILE B 202 17.93 -17.92 21.87
C ILE B 202 16.79 -18.65 21.17
N ALA B 203 16.50 -18.26 19.94
CA ALA B 203 15.52 -18.94 19.13
C ALA B 203 15.92 -20.40 19.02
N ASP B 204 17.19 -20.62 18.73
CA ASP B 204 17.72 -21.98 18.45
C ASP B 204 17.55 -22.86 19.66
N ALA B 205 17.57 -22.23 20.83
CA ALA B 205 17.54 -23.01 22.06
C ALA B 205 16.16 -23.47 22.33
N VAL B 206 15.14 -22.84 21.75
CA VAL B 206 13.78 -23.34 21.93
C VAL B 206 13.13 -23.84 20.65
N GLY B 207 13.89 -23.97 19.56
CA GLY B 207 13.31 -24.37 18.25
C GLY B 207 12.46 -23.33 17.50
N ALA B 208 12.57 -22.08 17.89
CA ALA B 208 11.82 -20.99 17.29
C ALA B 208 12.55 -20.42 16.05
N TYR B 209 11.73 -19.98 15.10
CA TYR B 209 12.12 -19.04 14.08
C TYR B 209 12.48 -17.71 14.72
N LEU B 210 13.43 -17.01 14.12
CA LEU B 210 13.69 -15.61 14.45
C LEU B 210 13.38 -14.72 13.26
N MET B 211 12.59 -13.71 13.53
CA MET B 211 12.27 -12.72 12.54
C MET B 211 12.83 -11.42 13.13
N VAL B 212 13.60 -10.67 12.34
CA VAL B 212 13.99 -9.34 12.78
C VAL B 212 13.30 -8.31 11.95
N ASP B 213 12.66 -7.35 12.58
CA ASP B 213 12.03 -6.22 11.88
C ASP B 213 12.97 -5.05 12.07
N MET B 214 13.76 -4.76 11.06
CA MET B 214 14.80 -3.72 11.11
C MET B 214 14.43 -2.34 10.51
N ALA B 215 13.13 -2.07 10.40
CA ALA B 215 12.62 -0.88 9.77
C ALA B 215 13.37 0.40 10.17
N HIS B 216 13.50 0.60 11.47
CA HIS B 216 14.22 1.78 11.95
C HIS B 216 15.72 1.81 11.58
N ILE B 217 16.38 0.68 11.60
CA ILE B 217 17.84 0.70 11.43
C ILE B 217 18.35 0.27 10.06
N ALA B 218 17.44 0.02 9.12
CA ALA B 218 17.84 -0.59 7.85
C ALA B 218 18.92 0.21 7.14
N GLY B 219 18.80 1.53 7.19
CA GLY B 219 19.76 2.47 6.60
C GLY B 219 21.16 2.33 7.24
N LEU B 220 21.18 2.27 8.57
CA LEU B 220 22.42 2.03 9.33
C LEU B 220 22.99 0.67 9.04
N VAL B 221 22.15 -0.36 8.88
CA VAL B 221 22.66 -1.68 8.52
C VAL B 221 23.33 -1.55 7.16
N ALA B 222 22.60 -0.89 6.26
CA ALA B 222 23.09 -0.61 4.92
C ALA B 222 24.42 0.12 4.92
N SER B 223 24.62 1.07 5.85
CA SER B 223 25.83 1.92 5.83
C SER B 223 27.02 1.25 6.53
N GLY B 224 26.76 0.19 7.28
CA GLY B 224 27.76 -0.41 8.18
C GLY B 224 27.79 0.06 9.65
N HIS B 225 26.92 0.97 10.01
CA HIS B 225 26.86 1.47 11.37
C HIS B 225 26.03 0.69 12.38
N HIS B 226 25.33 -0.35 11.92
CA HIS B 226 24.66 -1.32 12.81
C HIS B 226 24.89 -2.68 12.24
N PRO B 227 25.32 -3.67 13.06
CA PRO B 227 25.49 -5.01 12.44
C PRO B 227 24.17 -5.54 11.93
N SER B 228 24.26 -6.39 10.93
CA SER B 228 23.11 -6.81 10.19
C SER B 228 22.44 -8.03 10.81
N PRO B 229 21.10 -8.07 10.78
CA PRO B 229 20.34 -9.25 11.22
C PRO B 229 20.29 -10.31 10.18
N VAL B 230 20.73 -10.01 8.98
CA VAL B 230 20.35 -10.87 7.88
C VAL B 230 20.91 -12.29 7.96
N PRO B 231 22.16 -12.44 8.41
CA PRO B 231 22.73 -13.79 8.55
C PRO B 231 22.17 -14.53 9.76
N TYR B 232 21.60 -13.82 10.72
CA TYR B 232 21.07 -14.46 11.93
C TYR B 232 19.56 -14.73 11.92
N ALA B 233 18.78 -13.93 11.19
CA ALA B 233 17.34 -14.08 11.22
C ALA B 233 16.97 -15.01 10.10
N HIS B 234 16.02 -15.87 10.36
CA HIS B 234 15.44 -16.66 9.30
C HIS B 234 14.78 -15.70 8.30
N VAL B 235 14.10 -14.68 8.82
CA VAL B 235 13.50 -13.69 7.94
C VAL B 235 13.71 -12.31 8.50
N THR B 236 14.10 -11.41 7.62
CA THR B 236 14.21 -9.99 7.96
C THR B 236 13.14 -9.14 7.26
N THR B 237 12.45 -8.28 7.99
CA THR B 237 11.59 -7.32 7.39
C THR B 237 12.07 -5.92 7.61
N THR B 238 11.55 -5.02 6.80
CA THR B 238 11.86 -3.60 7.00
C THR B 238 10.87 -2.78 6.19
N THR B 239 10.72 -1.51 6.59
CA THR B 239 10.26 -0.48 5.72
C THR B 239 11.37 -0.02 4.83
N THR B 240 10.98 0.53 3.68
CA THR B 240 11.92 1.12 2.72
C THR B 240 12.05 2.60 3.06
N HIS B 241 11.05 3.17 3.72
CA HIS B 241 11.16 4.54 4.22
C HIS B 241 11.91 4.43 5.56
N LYS B 242 12.18 5.57 6.21
CA LYS B 242 12.99 5.63 7.44
C LYS B 242 14.48 5.80 7.16
N THR B 243 15.35 5.06 7.86
CA THR B 243 16.78 5.34 7.71
C THR B 243 17.30 4.96 6.34
N LEU B 244 16.59 4.06 5.66
CA LEU B 244 16.99 3.68 4.32
C LEU B 244 16.61 4.77 3.29
N ARG B 245 15.86 5.77 3.71
CA ARG B 245 15.62 6.92 2.89
C ARG B 245 14.94 6.64 1.54
N GLY B 246 13.97 5.74 1.59
CA GLY B 246 13.25 5.33 0.43
C GLY B 246 11.77 5.71 0.50
N PRO B 247 11.02 5.25 -0.51
CA PRO B 247 9.59 5.48 -0.55
C PRO B 247 8.95 4.69 0.58
N ARG B 248 7.71 5.06 0.92
CA ARG B 248 6.90 4.28 1.84
C ARG B 248 6.57 2.92 1.24
N GLY B 249 6.92 1.89 1.98
CA GLY B 249 6.79 0.56 1.50
C GLY B 249 7.47 -0.40 2.41
N GLY B 250 7.29 -1.70 2.08
CA GLY B 250 7.89 -2.79 2.82
C GLY B 250 8.80 -3.62 1.96
N LEU B 251 9.52 -4.53 2.60
CA LEU B 251 10.50 -5.35 1.96
C LEU B 251 10.83 -6.49 2.94
N ILE B 252 11.13 -7.66 2.39
CA ILE B 252 11.34 -8.88 3.15
C ILE B 252 12.50 -9.64 2.55
N LEU B 253 13.41 -10.11 3.43
CA LEU B 253 14.63 -10.81 3.03
C LEU B 253 14.73 -12.11 3.80
N THR B 254 15.30 -13.10 3.11
CA THR B 254 15.65 -14.40 3.63
C THR B 254 16.75 -15.06 2.78
N ASP B 255 17.48 -15.97 3.39
CA ASP B 255 18.49 -16.78 2.71
C ASP B 255 18.04 -18.20 2.47
N ASP B 256 16.82 -18.55 2.90
CA ASP B 256 16.21 -19.88 2.77
C ASP B 256 15.17 -19.94 1.67
N GLU B 257 15.44 -20.79 0.71
CA GLU B 257 14.63 -20.87 -0.48
C GLU B 257 13.18 -21.31 -0.26
N ASP B 258 13.02 -22.27 0.63
CA ASP B 258 11.70 -22.80 0.86
C ASP B 258 10.86 -21.77 1.56
N ILE B 259 11.48 -21.04 2.47
CA ILE B 259 10.82 -19.92 3.12
C ILE B 259 10.42 -18.81 2.14
N ALA B 260 11.33 -18.49 1.22
CA ALA B 260 11.09 -17.49 0.19
C ALA B 260 9.85 -17.75 -0.64
N LYS B 261 9.65 -19.01 -1.01
CA LYS B 261 8.48 -19.43 -1.78
C LYS B 261 7.24 -19.14 -0.96
N LYS B 262 7.29 -19.49 0.30
CA LYS B 262 6.13 -19.19 1.14
C LYS B 262 5.87 -17.70 1.31
N LEU B 263 6.95 -16.95 1.50
CA LEU B 263 6.88 -15.51 1.68
C LEU B 263 6.22 -14.93 0.47
N ASN B 264 6.59 -15.42 -0.68
CA ASN B 264 6.02 -14.88 -1.90
C ASN B 264 4.55 -15.19 -2.06
N SER B 265 4.18 -16.42 -1.71
CA SER B 265 2.77 -16.82 -1.75
C SER B 265 1.97 -16.04 -0.72
N ALA B 266 2.58 -15.73 0.43
CA ALA B 266 1.89 -14.98 1.46
C ALA B 266 1.60 -13.56 1.03
N VAL B 267 2.55 -12.92 0.35
CA VAL B 267 2.38 -11.54 -0.03
C VAL B 267 1.34 -11.48 -1.11
N PHE B 268 1.44 -12.36 -2.07
CA PHE B 268 0.44 -12.44 -3.08
C PHE B 268 0.35 -13.88 -3.55
N PRO B 269 -0.87 -14.46 -3.55
CA PRO B 269 -2.27 -13.97 -3.29
C PRO B 269 -2.70 -13.98 -1.84
N GLY B 270 -1.79 -14.29 -0.98
CA GLY B 270 -2.15 -14.32 0.43
C GLY B 270 -2.75 -13.07 1.03
N LEU B 271 -2.02 -11.99 1.00
CA LEU B 271 -2.44 -10.73 1.65
C LEU B 271 -2.78 -9.58 0.77
N GLN B 272 -2.10 -9.48 -0.37
CA GLN B 272 -2.22 -8.36 -1.30
C GLN B 272 -2.81 -8.79 -2.64
N GLY B 273 -3.12 -7.81 -3.46
CA GLY B 273 -3.35 -8.05 -4.85
C GLY B 273 -2.23 -7.49 -5.68
N GLY B 274 -2.58 -6.54 -6.51
CA GLY B 274 -1.61 -5.92 -7.42
C GLY B 274 -0.61 -5.09 -6.63
N PRO B 275 0.68 -5.26 -6.91
CA PRO B 275 1.74 -4.44 -6.34
C PRO B 275 1.77 -3.04 -6.92
N LEU B 276 2.45 -2.13 -6.21
CA LEU B 276 2.53 -0.70 -6.58
C LEU B 276 3.83 -0.53 -7.32
N GLU B 277 3.81 -0.84 -8.61
CA GLU B 277 5.06 -0.94 -9.31
C GLU B 277 5.79 0.44 -9.45
N HIS B 278 5.07 1.52 -9.48
CA HIS B 278 5.72 2.85 -9.36
C HIS B 278 6.49 3.05 -8.06
N VAL B 279 5.92 2.52 -6.96
CA VAL B 279 6.61 2.61 -5.70
C VAL B 279 7.82 1.68 -5.73
N ILE B 280 7.64 0.53 -6.35
CA ILE B 280 8.74 -0.40 -6.45
C ILE B 280 9.89 0.17 -7.30
N ALA B 281 9.56 0.94 -8.33
CA ALA B 281 10.57 1.65 -9.11
C ALA B 281 11.35 2.54 -8.15
N ALA B 282 10.61 3.26 -7.35
CA ALA B 282 11.23 4.11 -6.36
C ALA B 282 12.09 3.40 -5.34
N LYS B 283 11.69 2.16 -5.01
CA LYS B 283 12.46 1.33 -4.11
C LYS B 283 13.80 1.03 -4.76
N ALA B 284 13.72 0.60 -5.99
CA ALA B 284 14.93 0.37 -6.78
C ALA B 284 15.85 1.59 -6.80
N VAL B 285 15.24 2.78 -6.89
CA VAL B 285 16.02 3.99 -6.94
C VAL B 285 16.74 4.12 -5.61
N ALA B 286 15.99 4.09 -4.51
CA ALA B 286 16.56 4.29 -3.17
C ALA B 286 17.64 3.28 -2.83
N LEU B 287 17.54 2.10 -3.38
CA LEU B 287 18.46 1.06 -3.02
C LEU B 287 19.76 1.24 -3.76
N LYS B 288 19.70 1.74 -4.99
CA LYS B 288 20.93 2.08 -5.68
C LYS B 288 21.59 3.26 -4.96
N GLU B 289 20.82 4.22 -4.50
CA GLU B 289 21.37 5.31 -3.69
C GLU B 289 22.09 4.74 -2.50
N ALA B 290 21.53 3.74 -1.86
CA ALA B 290 22.15 3.27 -0.62
C ALA B 290 23.39 2.44 -0.87
N LEU B 291 23.47 1.81 -2.04
CA LEU B 291 24.69 1.14 -2.47
C LEU B 291 25.87 2.14 -2.81
N ASP B 292 25.56 3.41 -3.03
CA ASP B 292 26.58 4.43 -3.28
C ASP B 292 27.45 4.68 -2.03
N PRO B 293 28.78 4.69 -2.20
CA PRO B 293 29.70 4.96 -1.09
C PRO B 293 29.38 6.21 -0.28
N ALA B 294 28.73 7.20 -0.87
CA ALA B 294 28.28 8.37 -0.11
C ALA B 294 27.29 8.03 0.97
N PHE B 295 26.68 6.85 0.87
CA PHE B 295 25.66 6.45 1.81
C PHE B 295 26.33 6.11 3.14
N LYS B 296 27.56 5.67 3.11
CA LYS B 296 28.26 5.36 4.37
C LYS B 296 28.55 6.67 5.13
N GLU B 297 28.80 7.75 4.42
CA GLU B 297 29.05 9.02 5.07
C GLU B 297 27.80 9.53 5.73
N TYR B 298 26.68 9.34 5.04
CA TYR B 298 25.37 9.66 5.62
C TYR B 298 25.11 8.83 6.90
N GLY B 299 25.39 7.53 6.85
CA GLY B 299 25.29 6.70 8.04
C GLY B 299 26.05 7.30 9.19
N GLU B 300 27.31 7.61 8.92
CA GLU B 300 28.17 8.14 9.91
C GLU B 300 27.61 9.37 10.55
N ASN B 301 27.10 10.28 9.75
CA ASN B 301 26.57 11.51 10.33
C ASN B 301 25.29 11.33 11.06
N VAL B 302 24.51 10.32 10.65
CA VAL B 302 23.28 10.05 11.35
C VAL B 302 23.60 9.69 12.81
N ILE B 303 24.60 8.83 13.01
CA ILE B 303 25.07 8.38 14.36
C ILE B 303 25.54 9.52 15.23
N LYS B 304 26.43 10.30 14.64
CA LYS B 304 27.03 11.46 15.28
C LYS B 304 26.00 12.51 15.64
N ASN B 305 25.11 12.83 14.72
CA ASN B 305 24.12 13.86 15.00
C ASN B 305 23.19 13.42 16.12
N ALA B 306 22.95 12.13 16.21
CA ALA B 306 22.03 11.72 17.24
C ALA B 306 22.71 11.76 18.60
N ALA B 307 23.96 11.32 18.66
CA ALA B 307 24.79 11.25 19.90
C ALA B 307 24.99 12.64 20.49
N ALA B 308 25.23 13.61 19.58
CA ALA B 308 25.30 15.03 19.92
C ALA B 308 24.02 15.63 20.46
N MET B 309 22.87 15.27 19.94
CA MET B 309 21.67 15.85 20.51
C MET B 309 21.42 15.18 21.87
N ALA B 310 21.79 13.92 21.96
CA ALA B 310 21.56 13.16 23.17
C ALA B 310 22.46 13.66 24.30
N ASP B 311 23.70 13.99 23.95
CA ASP B 311 24.69 14.49 24.90
C ASP B 311 24.23 15.70 25.70
N VAL B 312 23.60 16.62 25.00
CA VAL B 312 22.97 17.77 25.63
C VAL B 312 21.98 17.39 26.76
N PHE B 313 21.16 16.37 26.57
CA PHE B 313 20.14 16.04 27.58
C PHE B 313 20.70 15.27 28.76
N ASN B 314 21.71 14.47 28.48
CA ASN B 314 22.34 13.66 29.50
C ASN B 314 22.80 14.56 30.64
N GLN B 315 23.61 15.53 30.19
CA GLN B 315 24.23 16.60 30.94
C GLN B 315 23.28 17.57 31.54
N HIS B 316 22.24 17.93 30.83
CA HIS B 316 21.23 18.67 31.53
C HIS B 316 20.64 17.78 32.67
N PRO B 317 20.58 18.38 33.87
CA PRO B 317 20.21 17.64 35.06
C PRO B 317 18.72 17.35 35.14
N ASP B 318 17.90 18.23 34.57
CA ASP B 318 16.44 17.95 34.50
C ASP B 318 15.95 16.96 33.42
N PHE B 319 16.87 16.28 32.74
CA PHE B 319 16.53 15.39 31.68
C PHE B 319 17.38 14.17 31.83
N ARG B 320 16.67 13.06 31.81
CA ARG B 320 17.26 11.76 31.65
C ARG B 320 16.99 11.22 30.21
N VAL B 321 18.02 10.63 29.63
CA VAL B 321 17.94 9.93 28.36
C VAL B 321 17.89 8.43 28.62
N ILE B 322 16.83 7.78 28.12
CA ILE B 322 16.59 6.36 28.35
C ILE B 322 17.81 5.54 27.94
N SER B 323 18.28 4.67 28.84
CA SER B 323 19.43 3.79 28.62
C SER B 323 20.75 4.54 28.71
N GLY B 324 20.65 5.85 28.93
CA GLY B 324 21.82 6.69 29.13
C GLY B 324 22.41 7.41 27.93
N GLY B 325 21.93 7.07 26.73
CA GLY B 325 22.51 7.60 25.49
C GLY B 325 22.01 6.80 24.32
N THR B 326 22.79 6.71 23.24
CA THR B 326 22.41 6.01 22.03
C THR B 326 23.58 5.59 21.18
N ASN B 327 23.45 4.47 20.47
CA ASN B 327 24.38 4.02 19.41
C ASN B 327 23.73 3.96 18.06
N ASN B 328 22.56 4.59 17.92
CA ASN B 328 21.87 4.64 16.60
C ASN B 328 21.27 6.02 16.30
N HIS B 329 20.24 6.04 15.47
CA HIS B 329 19.69 7.27 14.91
C HIS B 329 18.75 7.96 15.84
N LEU B 330 18.42 7.32 16.97
CA LEU B 330 17.43 7.90 17.87
C LEU B 330 17.77 7.75 19.36
N PHE B 331 16.95 8.42 20.15
CA PHE B 331 16.94 8.26 21.59
C PHE B 331 15.62 8.79 22.16
N LEU B 332 15.35 8.38 23.40
CA LEU B 332 14.19 8.88 24.13
C LEU B 332 14.64 9.77 25.29
N VAL B 333 13.77 10.71 25.66
CA VAL B 333 14.04 11.58 26.79
C VAL B 333 12.83 11.71 27.68
N ASP B 334 13.02 11.44 28.95
CA ASP B 334 12.07 11.78 30.02
C ASP B 334 12.00 13.29 30.32
N VAL B 335 10.84 13.87 30.03
CA VAL B 335 10.66 15.28 30.27
C VAL B 335 9.82 15.67 31.51
N THR B 336 9.47 14.71 32.35
CA THR B 336 8.38 14.98 33.33
C THR B 336 8.84 15.95 34.42
N LYS B 337 10.17 16.01 34.62
CA LYS B 337 10.73 17.04 35.46
C LYS B 337 10.31 18.44 35.00
N VAL B 338 10.52 18.70 33.73
CA VAL B 338 10.29 20.03 33.21
C VAL B 338 8.86 20.27 32.76
N VAL B 339 8.17 19.28 32.19
CA VAL B 339 6.74 19.44 31.87
C VAL B 339 5.96 18.20 32.26
N GLU B 340 4.64 18.31 32.25
CA GLU B 340 3.78 17.23 32.77
C GLU B 340 4.03 15.94 32.02
N ASN B 341 3.97 15.98 30.69
CA ASN B 341 4.18 14.79 29.90
C ASN B 341 4.70 14.96 28.48
N GLY B 342 5.03 13.84 27.86
CA GLY B 342 5.49 13.82 26.49
C GLY B 342 4.60 14.59 25.55
N LYS B 343 3.31 14.39 25.68
CA LYS B 343 2.33 15.04 24.82
C LYS B 343 2.46 16.56 24.84
N VAL B 344 2.61 17.10 26.04
CA VAL B 344 2.79 18.54 26.22
C VAL B 344 4.12 18.97 25.56
N ALA B 345 5.21 18.25 25.87
CA ALA B 345 6.47 18.50 25.20
C ALA B 345 6.28 18.66 23.67
N GLN B 346 5.53 17.76 23.09
CA GLN B 346 5.36 17.74 21.66
C GLN B 346 4.62 18.97 21.12
N ASN B 347 3.57 19.39 21.83
CA ASN B 347 2.82 20.64 21.50
C ASN B 347 3.68 21.91 21.59
N VAL B 348 4.49 22.00 22.64
CA VAL B 348 5.42 23.10 22.84
C VAL B 348 6.46 23.19 21.72
N LEU B 349 7.20 22.11 21.54
CA LEU B 349 8.22 22.12 20.50
C LEU B 349 7.68 22.41 19.11
N GLU B 350 6.47 21.96 18.82
CA GLU B 350 5.83 22.29 17.55
C GLU B 350 5.62 23.83 17.38
N GLU B 351 5.33 24.51 18.48
CA GLU B 351 5.18 25.96 18.49
C GLU B 351 6.48 26.70 18.11
N VAL B 352 7.64 26.07 18.29
CA VAL B 352 8.88 26.60 17.74
C VAL B 352 9.36 25.90 16.47
N ASN B 353 8.43 25.30 15.70
CA ASN B 353 8.76 24.56 14.45
C ASN B 353 9.81 23.44 14.66
N ILE B 354 9.67 22.73 15.77
CA ILE B 354 10.41 21.49 15.97
C ILE B 354 9.40 20.35 16.13
N THR B 355 9.42 19.38 15.21
CA THR B 355 8.45 18.27 15.23
C THR B 355 9.12 16.99 15.67
N LEU B 356 8.51 16.43 16.69
CA LEU B 356 8.82 15.09 17.11
C LEU B 356 7.57 14.37 17.62
N ASN B 357 7.72 13.28 18.37
CA ASN B 357 6.54 12.63 18.94
C ASN B 357 6.80 12.22 20.38
N LYS B 358 5.75 12.40 21.17
CA LYS B 358 5.60 11.81 22.46
C LYS B 358 5.85 10.31 22.33
N ASN B 359 6.27 9.68 23.42
CA ASN B 359 6.58 8.30 23.35
C ASN B 359 6.73 7.67 24.72
N SER B 360 6.05 6.55 24.92
CA SER B 360 6.26 5.77 26.14
C SER B 360 7.73 5.45 26.36
N ILE B 361 8.11 5.45 27.63
CA ILE B 361 9.46 5.08 28.05
C ILE B 361 9.33 3.71 28.74
N PRO B 362 10.47 3.02 28.93
CA PRO B 362 10.25 1.68 29.46
C PRO B 362 9.52 1.78 30.79
N TYR B 363 8.52 0.89 30.98
CA TYR B 363 7.74 0.85 32.22
C TYR B 363 7.00 2.15 32.41
N GLU B 364 6.50 2.68 31.31
CA GLU B 364 5.74 3.89 31.33
C GLU B 364 4.74 3.82 32.47
N GLN B 365 4.70 4.89 33.27
CA GLN B 365 3.66 5.06 34.30
C GLN B 365 2.38 5.70 33.76
N LEU B 366 2.50 6.71 32.90
CA LEU B 366 1.37 7.59 32.54
C LEU B 366 0.49 7.05 31.44
N SER B 367 -0.62 7.72 31.18
CA SER B 367 -1.50 7.24 30.16
C SER B 367 -0.69 7.13 28.86
N PRO B 368 -1.00 6.14 28.03
CA PRO B 368 -0.32 6.15 26.74
C PRO B 368 -0.72 7.34 25.85
N PHE B 369 -1.90 7.94 26.05
CA PHE B 369 -2.24 9.22 25.38
C PHE B 369 -1.32 10.37 25.85
N LYS B 370 -0.61 10.21 26.98
CA LYS B 370 0.19 11.29 27.58
C LYS B 370 1.70 11.00 27.43
N THR B 371 2.11 9.89 28.05
CA THR B 371 3.47 9.42 28.15
C THR B 371 4.41 10.35 28.85
N SER B 372 5.53 9.79 29.26
CA SER B 372 6.60 10.50 29.96
C SER B 372 7.79 11.00 29.08
N GLY B 373 7.74 10.80 27.77
CA GLY B 373 8.92 11.03 26.95
C GLY B 373 8.71 11.66 25.58
N ILE B 374 9.84 11.94 24.97
CA ILE B 374 9.89 12.34 23.58
C ILE B 374 10.89 11.43 22.86
N ARG B 375 10.55 11.09 21.62
CA ARG B 375 11.47 10.33 20.81
C ARG B 375 12.08 11.31 19.85
N VAL B 376 13.40 11.24 19.76
CA VAL B 376 14.13 12.16 18.93
C VAL B 376 14.94 11.41 17.95
N GLY B 377 14.94 11.87 16.69
CA GLY B 377 15.83 11.27 15.67
C GLY B 377 16.54 12.25 14.73
N SER B 378 17.74 11.83 14.32
CA SER B 378 18.60 12.59 13.47
C SER B 378 18.53 12.44 11.92
N PRO B 379 17.80 11.44 11.36
CA PRO B 379 17.99 11.18 9.89
C PRO B 379 17.51 12.23 8.93
N ALA B 380 16.41 12.88 9.29
CA ALA B 380 15.90 13.91 8.42
C ALA B 380 16.87 15.14 8.38
N ILE B 381 17.27 15.64 9.56
CA ILE B 381 18.18 16.78 9.61
C ILE B 381 19.53 16.44 9.00
N THR B 382 19.96 15.19 9.15
CA THR B 382 21.21 14.75 8.53
C THR B 382 21.04 14.73 7.03
N SER B 383 19.86 14.36 6.57
CA SER B 383 19.64 14.37 5.15
C SER B 383 19.58 15.79 4.60
N ARG B 384 19.21 16.79 5.39
CA ARG B 384 19.32 18.18 4.92
C ARG B 384 20.74 18.80 4.94
N GLY B 385 21.74 18.06 5.39
CA GLY B 385 23.11 18.55 5.42
C GLY B 385 23.59 18.99 6.80
N MET B 386 22.74 19.04 7.81
CA MET B 386 23.21 19.42 9.13
C MET B 386 24.23 18.44 9.70
N GLY B 387 25.03 18.97 10.64
CA GLY B 387 26.18 18.24 11.22
C GLY B 387 26.10 18.38 12.70
N GLU B 388 27.20 18.09 13.41
CA GLU B 388 27.17 18.03 14.91
C GLU B 388 26.79 19.34 15.61
N ALA B 389 27.25 20.47 15.09
CA ALA B 389 27.00 21.80 15.71
C ALA B 389 25.55 22.18 15.66
N GLU B 390 24.94 21.92 14.52
CA GLU B 390 23.54 22.25 14.35
C GLU B 390 22.70 21.28 15.20
N SER B 391 23.12 20.02 15.22
CA SER B 391 22.40 19.04 16.02
C SER B 391 22.39 19.53 17.48
N ARG B 392 23.59 19.78 18.01
CA ARG B 392 23.78 20.26 19.39
C ARG B 392 22.92 21.48 19.73
N GLN B 393 22.95 22.44 18.81
CA GLN B 393 22.15 23.66 18.87
C GLN B 393 20.67 23.36 18.88
N ILE B 394 20.25 22.46 18.01
CA ILE B 394 18.85 22.04 18.05
C ILE B 394 18.45 21.48 19.41
N ALA B 395 19.27 20.62 19.99
CA ALA B 395 18.99 20.11 21.34
C ALA B 395 18.91 21.26 22.35
N GLU B 396 19.87 22.20 22.31
CA GLU B 396 19.85 23.38 23.20
C GLU B 396 18.51 24.04 23.10
N TRP B 397 18.05 24.23 21.87
CA TRP B 397 16.81 24.94 21.65
C TRP B 397 15.62 24.21 22.24
N MET B 398 15.69 22.88 22.21
CA MET B 398 14.60 22.12 22.73
C MET B 398 14.54 22.30 24.25
N VAL B 399 15.70 22.11 24.86
CA VAL B 399 15.84 22.23 26.31
C VAL B 399 15.33 23.58 26.76
N GLU B 400 15.90 24.62 26.16
CA GLU B 400 15.45 25.99 26.33
C GLU B 400 13.92 26.17 26.17
N ALA B 401 13.30 25.64 25.13
CA ALA B 401 11.83 25.86 24.95
C ALA B 401 10.96 25.14 25.98
N LEU B 402 11.48 24.06 26.53
CA LEU B 402 10.69 23.29 27.46
C LEU B 402 10.76 23.97 28.82
N GLU B 403 11.95 24.47 29.15
CA GLU B 403 12.14 25.25 30.36
C GLU B 403 11.33 26.56 30.33
N ASN B 404 11.06 27.12 29.15
CA ASN B 404 10.34 28.41 29.00
C ASN B 404 8.99 28.30 28.35
N HIS B 405 8.26 27.27 28.74
CA HIS B 405 7.16 26.81 27.94
C HIS B 405 5.92 27.75 27.95
N ASP B 406 5.79 28.55 29.00
CA ASP B 406 4.65 29.48 29.11
C ASP B 406 5.11 30.93 28.90
N LYS B 407 6.34 31.10 28.41
CA LYS B 407 6.92 32.42 28.14
C LYS B 407 6.95 32.67 26.61
N PRO B 408 5.83 33.21 26.05
CA PRO B 408 5.72 33.27 24.59
C PRO B 408 6.77 34.11 23.88
N GLU B 409 7.25 35.15 24.56
CA GLU B 409 8.26 36.05 23.99
C GLU B 409 9.59 35.30 23.76
N VAL B 410 9.80 34.20 24.51
CA VAL B 410 10.99 33.34 24.36
C VAL B 410 10.86 32.37 23.18
N LEU B 411 9.72 31.68 23.13
CA LEU B 411 9.47 30.77 22.06
C LEU B 411 9.64 31.57 20.76
N GLU B 412 8.97 32.72 20.69
CA GLU B 412 8.99 33.61 19.50
C GLU B 412 10.40 33.84 18.98
N ARG B 413 11.34 33.89 19.93
CA ARG B 413 12.75 34.14 19.66
C ARG B 413 13.43 32.88 19.16
N ILE B 414 13.06 31.75 19.77
CA ILE B 414 13.61 30.47 19.33
C ILE B 414 13.11 30.21 17.92
N ARG B 415 11.80 30.39 17.71
CA ARG B 415 11.24 30.26 16.38
C ARG B 415 12.09 31.01 15.36
N GLY B 416 12.43 32.25 15.66
CA GLY B 416 13.23 33.07 14.74
C GLY B 416 14.63 32.55 14.50
N ASP B 417 15.26 32.01 15.55
CA ASP B 417 16.62 31.41 15.39
C ASP B 417 16.59 30.09 14.57
N VAL B 418 15.50 29.33 14.73
CA VAL B 418 15.23 28.11 13.97
C VAL B 418 15.13 28.46 12.52
N LYS B 419 14.36 29.51 12.22
CA LYS B 419 14.25 29.97 10.83
C LYS B 419 15.58 30.22 10.13
N VAL B 420 16.54 30.74 10.87
CA VAL B 420 17.85 31.06 10.27
C VAL B 420 18.54 29.79 9.82
N LEU B 421 18.42 28.78 10.66
CA LEU B 421 18.98 27.46 10.42
C LEU B 421 18.24 26.68 9.31
N THR B 422 16.90 26.72 9.32
CA THR B 422 16.17 26.09 8.23
C THR B 422 16.49 26.75 6.91
N ASP B 423 16.53 28.08 6.86
CA ASP B 423 16.94 28.77 5.63
C ASP B 423 18.32 28.34 5.23
N ALA B 424 19.18 28.20 6.21
CA ALA B 424 20.58 27.89 5.93
C ALA B 424 20.80 26.51 5.33
N PHE B 425 19.86 25.59 5.61
CA PHE B 425 19.92 24.18 5.10
C PHE B 425 18.61 23.87 4.39
N PRO B 426 18.48 24.36 3.14
CA PRO B 426 17.18 24.35 2.54
C PRO B 426 16.80 22.92 2.20
N LEU B 427 15.49 22.62 2.11
CA LEU B 427 15.01 21.26 1.94
C LEU B 427 15.41 20.58 0.63
N TYR B 428 15.24 21.19 -0.55
CA TYR B 428 15.68 20.43 -1.74
C TYR B 428 16.75 21.08 -2.62
N1 PLG C . -11.68 -6.23 -5.72
C2 PLG C . -11.92 -6.42 -7.02
C2A PLG C . -13.30 -6.59 -7.49
C3 PLG C . -10.90 -6.43 -7.95
O3 PLG C . -11.21 -6.60 -9.27
C4 PLG C . -9.59 -6.23 -7.54
C4A PLG C . -8.50 -6.38 -8.53
C5 PLG C . -9.34 -6.08 -6.17
C6 PLG C . -10.43 -6.06 -5.30
C5A PLG C . -7.93 -5.92 -5.57
OP4 PLG C . -7.36 -4.65 -5.65
P PLG C . -5.80 -4.55 -5.38
OP1 PLG C . -5.54 -5.27 -4.09
OP2 PLG C . -5.71 -3.04 -5.33
OP3 PLG C . -5.14 -5.30 -6.52
C PLG C . -8.42 -7.45 -11.95
O PLG C . -9.61 -7.73 -12.11
OXT PLG C . -7.68 -7.31 -12.89
CA PLG C . -7.80 -7.31 -10.60
N PLG C . -8.79 -7.05 -9.58
C1 GOL D . -31.27 -9.76 -15.06
O1 GOL D . -30.20 -10.15 -14.09
C2 GOL D . -30.86 -8.45 -15.75
O2 GOL D . -31.94 -7.53 -16.09
C3 GOL D . -30.07 -8.82 -16.98
O3 GOL D . -28.79 -8.15 -17.10
C1 GOL E . -32.37 0.96 1.76
O1 GOL E . -31.28 1.88 1.76
C2 GOL E . -31.92 -0.24 2.55
O2 GOL E . -31.85 0.14 3.94
C3 GOL E . -32.95 -1.32 2.22
O3 GOL E . -34.11 -0.95 2.95
N1 PLG F . 8.01 -1.98 11.97
C2 PLG F . 8.53 -1.05 12.74
C2A PLG F . 9.67 -1.46 13.59
C3 PLG F . 8.06 0.24 12.74
O3 PLG F . 8.60 1.22 13.55
C4 PLG F . 7.00 0.58 11.90
C4A PLG F . 6.41 1.95 11.96
C5 PLG F . 6.43 -0.41 11.12
C6 PLG F . 6.99 -1.68 11.18
C5A PLG F . 5.22 -0.19 10.23
OP4 PLG F . 5.39 0.21 8.89
P PLG F . 4.19 0.94 8.13
OP1 PLG F . 3.85 2.11 8.97
OP2 PLG F . 4.75 1.31 6.75
OP3 PLG F . 3.03 -0.12 8.08
C PLG F . 7.11 4.89 13.83
O PLG F . 8.15 4.40 14.24
OXT PLG F . 6.81 6.05 14.00
CA PLG F . 6.14 4.03 13.13
N PLG F . 6.73 2.72 12.95
#